data_6ZOE
#
_entry.id   6ZOE
#
_cell.length_a   226.609
_cell.length_b   226.609
_cell.length_c   226.609
_cell.angle_alpha   90.000
_cell.angle_beta   90.000
_cell.angle_gamma   90.000
#
_symmetry.space_group_name_H-M   'I 2 3'
#
loop_
_entity.id
_entity.type
_entity.pdbx_description
1 polymer 'Multidrug efflux pump subunit AcrB'
2 polymer DARPIN
3 non-polymer DECANE
4 non-polymer 1,2-ETHANEDIOL
5 non-polymer DODECYL-BETA-D-MALTOSIDE
6 non-polymer 'TRIETHYLENE GLYCOL'
7 water water
#
loop_
_entity_poly.entity_id
_entity_poly.type
_entity_poly.pdbx_seq_one_letter_code
_entity_poly.pdbx_strand_id
1 'polypeptide(L)'
;MPNFFIDRPIFAWVIAIIIMLAGGLAILKLPVAQYPTIAPPAVTISASYPGADAKTVQDTVTQVIEQNMNGIDNLMYMSS
NSDSTGTVQITLTFESGTDADIAQVQVQNKLQLAMPLLPQEVQQQGVSVEKSSSSFLMVVGVINTDGTMTQEDISDYVAA
NMKDAISRTSGVGDVQLFGSQYAMRIWMNPNELNKFQLTPVDVITAIKAQNAQVAAGQLGGTPPVKGQQLNASIIAQTRL
TSTEEFGKILLKVNQDGSRVLLRDVAKIELGGENYDIIAEFNGQPASGLGIKLATGANALDTAAAIRAELAKMEPFFPSG
LKIVYPYDTTPFVKISIHEVVKTLVEAIILVFLVMYLFLQNFRATLIPTIAVPVVLLGTFAVLAAFGFSINTLTMFGMVL
AIGLLVDDAIVVVENVERVMAEEGLPPKEATRKSMGQIQGALVGIAMVLSAVFVPMAFFGGSTGAIYRQFSITIVSAMAL
SVLVALILTPALCATMLKPIAKGDHGEGKKGFFGWFNRMFEKSTHHYTDSVGGILRSTGRYLVLYLIIVVGMAYLFVRLP
SSALPDEDQGVFMTMVQLPAGATQERTQKVLNEVTHYYLTKEKNNVESVFAVNGFGFAGRGQNTGIAFVSLKDWADRPGE
ENKVEAITMRATRAFSQIKDAMVFAFNLPAIVELGTATGFDFELIDQAGLGHEKLTQARNQLLAEAAKHPDMLTSVRPNG
LEDTPQFKIDIDQEKAQALGVSINDINTTLGAAWGGSYVNDFIDRGRVKKVYVMSEAKYRMLPDDIGDWYVRAADGQMVP
FSAFSSSRWEYGSPRLERYNGLPSMEILGQAAPGKSTGEAMELMEQLASKLPTGVGYDWTGMSYQERLSGNQAPSLYAIS
LIVVFLCLAALYESWSIPFSVMLVVPLGVIGALLAATFRGLTNDVYFQVGLLTTIGLSAKNAILIVEFAKDLMDKEGKGL
IEATLDAVRMRLRPILMTSLAFILGVMPLVISTGAGSGAQNAVGTGVMGGMVTATVLAIFFVPVFFVVVRRRFSRKNEDI
EHSHTVDHHLEHHHHHH
;
A
2 'polypeptide(L)'
;MRGSHHHHHHGSDLGKKLLEAARAGRDDEVRILMANGADVNAADVVGWTPLHLAAYWGHLEIVEVLLKNGADVNAYDTLG
STPLHLAAHFGHLEIVEVLLKNGADVNAKDDNGITPLHLAANRGHLEIVEVLLKYGADVNAQDKFGKTAFDISINNGNED
LAEILQKLN
;
B
#
loop_
_chem_comp.id
_chem_comp.type
_chem_comp.name
_chem_comp.formula
D10 non-polymer DECANE 'C10 H22'
EDO non-polymer 1,2-ETHANEDIOL 'C2 H6 O2'
LMT D-saccharide DODECYL-BETA-D-MALTOSIDE 'C24 H46 O11'
PGE non-polymer 'TRIETHYLENE GLYCOL' 'C6 H14 O4'
#
# COMPACT_ATOMS: atom_id res chain seq x y z
N MET A 1 42.79 -14.02 -24.15
CA MET A 1 41.62 -13.34 -24.78
C MET A 1 42.04 -11.93 -25.25
N PRO A 2 42.65 -11.07 -24.41
CA PRO A 2 43.05 -9.73 -24.85
C PRO A 2 44.01 -9.75 -26.04
N ASN A 3 45.06 -10.59 -25.99
CA ASN A 3 46.09 -10.74 -27.05
C ASN A 3 45.42 -11.11 -28.39
N PHE A 4 44.46 -12.04 -28.35
CA PHE A 4 43.69 -12.53 -29.53
C PHE A 4 42.98 -11.36 -30.21
N PHE A 5 42.32 -10.49 -29.43
CA PHE A 5 41.48 -9.36 -29.92
C PHE A 5 42.34 -8.12 -30.21
N ILE A 6 43.56 -8.06 -29.65
CA ILE A 6 44.56 -6.99 -29.98
C ILE A 6 44.99 -7.15 -31.45
N ASP A 7 45.14 -8.40 -31.90
CA ASP A 7 45.54 -8.75 -33.30
C ASP A 7 44.32 -8.62 -34.23
N ARG A 8 43.10 -8.74 -33.70
CA ARG A 8 41.82 -8.69 -34.46
C ARG A 8 40.94 -7.57 -33.92
N PRO A 9 41.24 -6.28 -34.21
CA PRO A 9 40.43 -5.16 -33.70
C PRO A 9 38.98 -5.12 -34.21
N ILE A 10 38.75 -5.62 -35.43
CA ILE A 10 37.41 -5.61 -36.10
C ILE A 10 36.52 -6.68 -35.45
N PHE A 11 37.09 -7.84 -35.07
CA PHE A 11 36.39 -8.91 -34.33
C PHE A 11 35.87 -8.33 -33.00
N ALA A 12 36.73 -7.59 -32.30
CA ALA A 12 36.40 -6.88 -31.03
C ALA A 12 35.20 -5.97 -31.25
N TRP A 13 35.26 -5.11 -32.28
CA TRP A 13 34.17 -4.17 -32.69
C TRP A 13 32.87 -4.96 -32.94
N VAL A 14 32.96 -6.06 -33.69
CA VAL A 14 31.80 -6.92 -34.09
C VAL A 14 31.08 -7.41 -32.82
N ILE A 15 31.84 -7.85 -31.81
CA ILE A 15 31.29 -8.35 -30.50
C ILE A 15 30.57 -7.21 -29.78
N ALA A 16 31.23 -6.03 -29.69
CA ALA A 16 30.69 -4.82 -29.04
C ALA A 16 29.38 -4.38 -29.71
N ILE A 17 29.39 -4.26 -31.05
CA ILE A 17 28.21 -3.84 -31.86
C ILE A 17 27.05 -4.82 -31.62
N ILE A 18 27.33 -6.13 -31.64
CA ILE A 18 26.34 -7.21 -31.36
C ILE A 18 25.73 -6.98 -29.97
N ILE A 19 26.56 -6.66 -28.98
CA ILE A 19 26.14 -6.37 -27.58
C ILE A 19 25.26 -5.11 -27.58
N MET A 20 25.69 -4.04 -28.27
CA MET A 20 24.93 -2.77 -28.38
C MET A 20 23.57 -3.02 -29.03
N LEU A 21 23.54 -3.74 -30.16
CA LEU A 21 22.30 -4.12 -30.90
C LEU A 21 21.35 -4.87 -29.96
N ALA A 22 21.83 -5.94 -29.33
CA ALA A 22 21.10 -6.78 -28.36
C ALA A 22 20.53 -5.90 -27.23
N GLY A 23 21.31 -4.94 -26.76
CA GLY A 23 20.93 -3.96 -25.72
C GLY A 23 19.82 -3.04 -26.20
N GLY A 24 20.07 -2.31 -27.29
CA GLY A 24 19.12 -1.36 -27.91
C GLY A 24 17.81 -2.04 -28.27
N LEU A 25 17.86 -3.32 -28.69
CA LEU A 25 16.67 -4.12 -29.06
C LEU A 25 15.88 -4.46 -27.80
N ALA A 26 16.56 -4.85 -26.72
CA ALA A 26 15.98 -5.13 -25.39
C ALA A 26 15.29 -3.87 -24.86
N ILE A 27 15.99 -2.73 -24.88
CA ILE A 27 15.50 -1.40 -24.42
C ILE A 27 14.15 -1.09 -25.08
N LEU A 28 14.02 -1.34 -26.40
CA LEU A 28 12.78 -1.10 -27.18
C LEU A 28 11.64 -1.98 -26.63
N LYS A 29 11.89 -3.28 -26.45
CA LYS A 29 10.84 -4.32 -26.24
C LYS A 29 10.74 -4.71 -24.76
N LEU A 30 11.60 -4.18 -23.88
CA LEU A 30 11.56 -4.45 -22.42
C LEU A 30 10.32 -3.77 -21.83
N PRO A 31 9.62 -4.40 -20.85
CA PRO A 31 8.57 -3.72 -20.11
C PRO A 31 9.19 -2.62 -19.22
N VAL A 32 8.58 -1.43 -19.22
CA VAL A 32 8.96 -0.27 -18.37
C VAL A 32 7.85 -0.04 -17.34
N ALA A 33 8.21 0.12 -16.07
CA ALA A 33 7.29 0.32 -14.93
C ALA A 33 7.99 1.11 -13.82
N GLN A 34 7.23 1.67 -12.88
CA GLN A 34 7.74 2.47 -11.74
C GLN A 34 8.55 1.57 -10.81
N TYR A 35 8.00 0.38 -10.49
CA TYR A 35 8.65 -0.68 -9.70
C TYR A 35 8.24 -2.05 -10.25
N PRO A 36 8.99 -3.13 -9.95
CA PRO A 36 8.55 -4.49 -10.25
C PRO A 36 7.55 -4.98 -9.19
N THR A 37 7.29 -6.30 -9.14
CA THR A 37 6.51 -6.96 -8.07
C THR A 37 7.35 -6.93 -6.79
N ILE A 38 7.04 -6.02 -5.86
CA ILE A 38 7.69 -5.90 -4.53
C ILE A 38 6.77 -6.53 -3.49
N ALA A 39 5.53 -6.04 -3.40
CA ALA A 39 4.49 -6.50 -2.45
C ALA A 39 4.26 -7.99 -2.67
N PRO A 40 4.11 -8.80 -1.58
CA PRO A 40 3.87 -10.23 -1.72
C PRO A 40 2.55 -10.46 -2.46
N PRO A 41 2.46 -11.47 -3.35
CA PRO A 41 1.24 -11.73 -4.10
C PRO A 41 0.04 -11.92 -3.16
N ALA A 42 -1.10 -11.31 -3.50
CA ALA A 42 -2.33 -11.26 -2.70
C ALA A 42 -3.54 -11.47 -3.60
N VAL A 43 -4.46 -12.35 -3.20
CA VAL A 43 -5.75 -12.62 -3.90
C VAL A 43 -6.88 -12.14 -2.98
N THR A 44 -7.80 -11.33 -3.52
CA THR A 44 -8.96 -10.75 -2.80
C THR A 44 -10.25 -11.37 -3.34
N ILE A 45 -11.04 -12.00 -2.46
CA ILE A 45 -12.44 -12.44 -2.71
C ILE A 45 -13.37 -11.29 -2.35
N SER A 46 -14.06 -10.72 -3.33
CA SER A 46 -15.05 -9.62 -3.14
C SER A 46 -16.47 -10.14 -3.41
N ALA A 47 -17.37 -9.99 -2.44
CA ALA A 47 -18.81 -10.30 -2.56
C ALA A 47 -19.62 -9.16 -1.92
N SER A 48 -20.87 -8.99 -2.33
CA SER A 48 -21.80 -7.97 -1.79
C SER A 48 -23.18 -8.59 -1.52
N TYR A 49 -23.82 -8.15 -0.44
CA TYR A 49 -25.17 -8.55 0.02
C TYR A 49 -26.01 -7.28 0.16
N PRO A 50 -26.70 -6.84 -0.92
CA PRO A 50 -27.45 -5.59 -0.89
C PRO A 50 -28.45 -5.52 0.28
N GLY A 51 -28.31 -4.51 1.13
CA GLY A 51 -29.21 -4.25 2.28
C GLY A 51 -28.67 -4.80 3.58
N ALA A 52 -27.71 -5.73 3.52
CA ALA A 52 -27.15 -6.46 4.68
C ALA A 52 -26.23 -5.55 5.49
N ASP A 53 -26.22 -5.77 6.81
CA ASP A 53 -25.32 -5.11 7.80
C ASP A 53 -24.03 -5.93 7.93
N ALA A 54 -23.05 -5.42 8.68
CA ALA A 54 -21.71 -6.02 8.89
C ALA A 54 -21.84 -7.47 9.37
N LYS A 55 -22.68 -7.71 10.39
CA LYS A 55 -22.82 -9.02 11.08
C LYS A 55 -23.55 -10.02 10.16
N THR A 56 -24.53 -9.57 9.40
CA THR A 56 -25.29 -10.40 8.41
C THR A 56 -24.31 -10.88 7.33
N VAL A 57 -23.46 -9.98 6.84
CA VAL A 57 -22.41 -10.28 5.81
C VAL A 57 -21.41 -11.29 6.41
N GLN A 58 -20.94 -11.04 7.63
CA GLN A 58 -19.91 -11.87 8.30
C GLN A 58 -20.41 -13.30 8.51
N ASP A 59 -21.65 -13.45 8.98
CA ASP A 59 -22.17 -14.72 9.56
C ASP A 59 -22.90 -15.55 8.50
N THR A 60 -23.14 -15.01 7.29
CA THR A 60 -23.76 -15.74 6.16
C THR A 60 -22.79 -15.87 4.97
N VAL A 61 -21.79 -14.99 4.86
CA VAL A 61 -20.85 -14.95 3.70
C VAL A 61 -19.40 -15.18 4.18
N THR A 62 -18.84 -14.25 4.95
CA THR A 62 -17.38 -14.18 5.28
C THR A 62 -16.94 -15.48 5.96
N GLN A 63 -17.54 -15.83 7.09
CA GLN A 63 -17.17 -17.03 7.91
C GLN A 63 -17.26 -18.30 7.06
N VAL A 64 -18.28 -18.39 6.21
CA VAL A 64 -18.57 -19.58 5.36
C VAL A 64 -17.42 -19.75 4.36
N ILE A 65 -17.02 -18.66 3.69
CA ILE A 65 -15.91 -18.65 2.70
C ILE A 65 -14.59 -18.94 3.44
N GLU A 66 -14.37 -18.31 4.60
CA GLU A 66 -13.13 -18.41 5.40
C GLU A 66 -12.89 -19.87 5.83
N GLN A 67 -13.95 -20.58 6.23
CA GLN A 67 -13.86 -21.97 6.76
C GLN A 67 -13.38 -22.94 5.67
N ASN A 68 -13.52 -22.56 4.40
CA ASN A 68 -13.15 -23.41 3.23
C ASN A 68 -11.80 -22.97 2.64
N MET A 69 -11.13 -21.97 3.23
CA MET A 69 -9.80 -21.48 2.77
C MET A 69 -8.69 -22.27 3.46
N ASN A 70 -8.54 -23.55 3.06
CA ASN A 70 -7.48 -24.48 3.52
C ASN A 70 -7.09 -25.37 2.34
N GLY A 71 -5.95 -26.07 2.44
CA GLY A 71 -5.37 -26.85 1.34
C GLY A 71 -4.88 -25.94 0.22
N ILE A 72 -4.42 -24.73 0.58
CA ILE A 72 -3.87 -23.70 -0.35
C ILE A 72 -2.39 -23.53 0.00
N ASP A 73 -1.51 -23.64 -1.00
CA ASP A 73 -0.03 -23.65 -0.83
C ASP A 73 0.48 -22.22 -0.67
N ASN A 74 1.51 -22.03 0.15
CA ASN A 74 2.33 -20.78 0.27
C ASN A 74 1.47 -19.64 0.82
N LEU A 75 0.54 -19.93 1.72
CA LEU A 75 -0.34 -18.92 2.37
C LEU A 75 0.33 -18.43 3.66
N MET A 76 0.67 -17.13 3.73
CA MET A 76 1.28 -16.49 4.92
C MET A 76 0.19 -16.17 5.95
N TYR A 77 -0.86 -15.45 5.53
CA TYR A 77 -1.99 -15.06 6.39
C TYR A 77 -3.21 -14.65 5.55
N MET A 78 -4.37 -14.60 6.21
CA MET A 78 -5.69 -14.25 5.63
C MET A 78 -6.35 -13.20 6.53
N SER A 79 -6.91 -12.13 5.93
CA SER A 79 -7.66 -11.05 6.64
C SER A 79 -8.94 -10.75 5.87
N SER A 80 -9.99 -10.28 6.56
CA SER A 80 -11.31 -9.98 5.96
C SER A 80 -11.97 -8.79 6.65
N ASN A 81 -12.70 -7.99 5.87
CA ASN A 81 -13.59 -6.89 6.34
C ASN A 81 -15.03 -7.22 5.92
N SER A 82 -15.99 -7.03 6.84
CA SER A 82 -17.45 -7.16 6.60
C SER A 82 -18.12 -5.90 7.15
N ASP A 83 -18.75 -5.10 6.27
CA ASP A 83 -19.14 -3.69 6.59
C ASP A 83 -20.66 -3.49 6.41
N SER A 84 -21.14 -2.30 6.81
CA SER A 84 -22.56 -1.91 6.89
C SER A 84 -23.15 -1.63 5.49
N THR A 85 -22.30 -1.55 4.46
CA THR A 85 -22.71 -1.33 3.05
C THR A 85 -22.92 -2.68 2.35
N GLY A 86 -22.94 -3.78 3.11
CA GLY A 86 -23.21 -5.14 2.59
C GLY A 86 -22.05 -5.71 1.79
N THR A 87 -20.84 -5.19 2.00
CA THR A 87 -19.61 -5.55 1.26
C THR A 87 -18.72 -6.42 2.15
N VAL A 88 -18.09 -7.44 1.56
CA VAL A 88 -17.03 -8.29 2.20
C VAL A 88 -15.83 -8.34 1.27
N GLN A 89 -14.63 -8.19 1.83
CA GLN A 89 -13.34 -8.42 1.14
C GLN A 89 -12.49 -9.37 1.99
N ILE A 90 -12.21 -10.57 1.49
CA ILE A 90 -11.27 -11.55 2.09
C ILE A 90 -9.96 -11.48 1.28
N THR A 91 -8.86 -11.12 1.93
CA THR A 91 -7.51 -10.98 1.31
C THR A 91 -6.61 -12.12 1.80
N LEU A 92 -6.17 -12.98 0.87
CA LEU A 92 -5.17 -14.05 1.13
C LEU A 92 -3.82 -13.61 0.55
N THR A 93 -2.85 -13.35 1.42
CA THR A 93 -1.46 -12.91 1.05
C THR A 93 -0.55 -14.14 1.06
N PHE A 94 0.17 -14.36 -0.04
CA PHE A 94 1.05 -15.53 -0.26
C PHE A 94 2.51 -15.10 -0.12
N GLU A 95 3.42 -16.08 -0.01
CA GLU A 95 4.88 -15.84 0.18
C GLU A 95 5.44 -15.21 -1.09
N SER A 96 6.46 -14.36 -0.95
CA SER A 96 7.21 -13.77 -2.09
C SER A 96 7.68 -14.89 -3.01
N GLY A 97 7.48 -14.74 -4.32
CA GLY A 97 7.90 -15.71 -5.35
C GLY A 97 6.83 -16.75 -5.65
N THR A 98 5.69 -16.71 -4.96
CA THR A 98 4.52 -17.59 -5.23
C THR A 98 3.94 -17.23 -6.60
N ASP A 99 3.67 -18.23 -7.44
CA ASP A 99 3.00 -18.07 -8.75
C ASP A 99 1.59 -17.52 -8.50
N ALA A 100 1.35 -16.26 -8.88
CA ALA A 100 0.09 -15.51 -8.63
C ALA A 100 -1.08 -16.20 -9.35
N ASP A 101 -0.83 -16.77 -10.54
CA ASP A 101 -1.83 -17.54 -11.33
C ASP A 101 -2.25 -18.78 -10.52
N ILE A 102 -1.29 -19.49 -9.94
CA ILE A 102 -1.52 -20.74 -9.14
C ILE A 102 -2.24 -20.38 -7.84
N ALA A 103 -1.90 -19.22 -7.25
CA ALA A 103 -2.50 -18.72 -5.99
C ALA A 103 -3.99 -18.41 -6.22
N GLN A 104 -4.30 -17.63 -7.27
CA GLN A 104 -5.67 -17.19 -7.61
C GLN A 104 -6.57 -18.43 -7.84
N VAL A 105 -6.11 -19.38 -8.64
CA VAL A 105 -6.91 -20.56 -9.09
C VAL A 105 -7.19 -21.47 -7.90
N GLN A 106 -6.24 -21.65 -6.99
CA GLN A 106 -6.37 -22.49 -5.77
C GLN A 106 -7.40 -21.85 -4.81
N VAL A 107 -7.46 -20.52 -4.76
CA VAL A 107 -8.44 -19.75 -3.93
C VAL A 107 -9.83 -19.87 -4.57
N GLN A 108 -9.91 -19.59 -5.88
CA GLN A 108 -11.14 -19.68 -6.70
C GLN A 108 -11.76 -21.07 -6.55
N ASN A 109 -10.95 -22.12 -6.68
CA ASN A 109 -11.38 -23.55 -6.60
C ASN A 109 -12.01 -23.82 -5.24
N LYS A 110 -11.46 -23.25 -4.16
CA LYS A 110 -11.97 -23.43 -2.77
C LYS A 110 -13.25 -22.62 -2.58
N LEU A 111 -13.28 -21.37 -3.07
CA LEU A 111 -14.48 -20.49 -3.05
C LEU A 111 -15.63 -21.20 -3.80
N GLN A 112 -15.33 -21.79 -4.95
CA GLN A 112 -16.32 -22.40 -5.89
C GLN A 112 -17.15 -23.48 -5.18
N LEU A 113 -16.59 -24.10 -4.14
CA LEU A 113 -17.22 -25.23 -3.40
C LEU A 113 -17.81 -24.73 -2.07
N ALA A 114 -17.84 -23.41 -1.88
CA ALA A 114 -18.58 -22.71 -0.79
C ALA A 114 -19.74 -21.90 -1.38
N MET A 115 -19.79 -21.74 -2.71
CA MET A 115 -20.80 -20.92 -3.44
C MET A 115 -22.21 -21.41 -3.12
N PRO A 116 -22.49 -22.73 -3.14
CA PRO A 116 -23.83 -23.24 -2.84
C PRO A 116 -24.29 -22.97 -1.39
N LEU A 117 -23.37 -22.62 -0.49
CA LEU A 117 -23.65 -22.35 0.94
C LEU A 117 -23.98 -20.86 1.16
N LEU A 118 -23.66 -20.00 0.19
CA LEU A 118 -23.88 -18.53 0.28
C LEU A 118 -25.34 -18.22 -0.02
N PRO A 119 -25.88 -17.08 0.49
CA PRO A 119 -27.24 -16.67 0.15
C PRO A 119 -27.35 -16.41 -1.36
N GLN A 120 -28.50 -16.77 -1.96
CA GLN A 120 -28.76 -16.59 -3.41
C GLN A 120 -28.49 -15.13 -3.80
N GLU A 121 -28.87 -14.18 -2.93
CA GLU A 121 -28.72 -12.71 -3.15
C GLU A 121 -27.25 -12.36 -3.37
N VAL A 122 -26.34 -13.01 -2.64
CA VAL A 122 -24.86 -12.79 -2.71
C VAL A 122 -24.33 -13.42 -4.00
N GLN A 123 -24.82 -14.62 -4.36
CA GLN A 123 -24.39 -15.37 -5.57
C GLN A 123 -24.75 -14.58 -6.83
N GLN A 124 -25.97 -14.03 -6.87
CA GLN A 124 -26.53 -13.24 -8.00
C GLN A 124 -25.65 -12.01 -8.29
N GLN A 125 -25.14 -11.35 -7.24
CA GLN A 125 -24.26 -10.16 -7.37
C GLN A 125 -22.91 -10.55 -7.97
N GLY A 126 -22.51 -11.83 -7.85
CA GLY A 126 -21.25 -12.36 -8.39
C GLY A 126 -20.10 -12.17 -7.42
N VAL A 127 -19.40 -13.26 -7.06
CA VAL A 127 -18.28 -13.28 -6.09
C VAL A 127 -16.95 -13.32 -6.85
N SER A 128 -16.32 -12.16 -7.06
CA SER A 128 -15.06 -12.01 -7.84
C SER A 128 -13.85 -12.49 -7.02
N VAL A 129 -12.92 -13.18 -7.69
CA VAL A 129 -11.57 -13.55 -7.17
C VAL A 129 -10.54 -12.89 -8.10
N GLU A 130 -9.70 -12.01 -7.55
CA GLU A 130 -8.78 -11.13 -8.31
C GLU A 130 -7.42 -11.05 -7.61
N LYS A 131 -6.36 -10.74 -8.37
CA LYS A 131 -5.00 -10.43 -7.86
C LYS A 131 -4.96 -8.95 -7.46
N SER A 132 -5.03 -8.66 -6.16
CA SER A 132 -5.15 -7.29 -5.58
C SER A 132 -3.77 -6.68 -5.30
N SER A 133 -2.71 -7.51 -5.29
CA SER A 133 -1.31 -7.11 -4.96
C SER A 133 -0.78 -6.11 -6.01
N SER A 134 -1.33 -6.11 -7.22
CA SER A 134 -1.00 -5.16 -8.33
C SER A 134 -1.47 -3.75 -7.96
N SER A 135 -0.85 -2.73 -8.55
CA SER A 135 -1.07 -1.28 -8.27
C SER A 135 -1.78 -0.60 -9.44
N PHE A 136 -2.45 0.53 -9.15
CA PHE A 136 -3.14 1.42 -10.11
C PHE A 136 -2.12 2.06 -11.06
N LEU A 137 -2.20 1.76 -12.36
CA LEU A 137 -1.42 2.45 -13.42
C LEU A 137 -1.91 3.90 -13.52
N MET A 138 -3.22 4.07 -13.77
CA MET A 138 -3.89 5.40 -13.87
C MET A 138 -5.35 5.27 -13.43
N VAL A 139 -6.00 6.41 -13.18
CA VAL A 139 -7.48 6.53 -12.99
C VAL A 139 -8.01 7.44 -14.09
N VAL A 140 -8.82 6.88 -14.99
CA VAL A 140 -9.59 7.66 -16.01
C VAL A 140 -10.83 8.23 -15.31
N GLY A 141 -10.95 9.57 -15.29
CA GLY A 141 -12.17 10.27 -14.83
C GLY A 141 -13.01 10.68 -16.03
N VAL A 142 -14.35 10.58 -15.89
CA VAL A 142 -15.32 10.95 -16.96
C VAL A 142 -16.35 11.91 -16.36
N ILE A 143 -16.55 13.07 -17.01
CA ILE A 143 -17.50 14.13 -16.58
C ILE A 143 -18.32 14.57 -17.80
N ASN A 144 -19.37 15.36 -17.56
CA ASN A 144 -20.19 16.01 -18.61
C ASN A 144 -20.21 17.53 -18.34
N THR A 145 -19.48 18.30 -19.13
CA THR A 145 -19.29 19.77 -18.98
C THR A 145 -20.64 20.49 -19.17
N ASP A 146 -21.54 19.92 -19.97
CA ASP A 146 -22.87 20.49 -20.31
C ASP A 146 -23.79 20.43 -19.07
N GLY A 147 -23.44 19.62 -18.07
CA GLY A 147 -24.18 19.48 -16.80
C GLY A 147 -25.52 18.80 -16.99
N THR A 148 -25.68 18.04 -18.08
CA THR A 148 -26.94 17.37 -18.50
C THR A 148 -27.04 16.01 -17.79
N MET A 149 -25.92 15.30 -17.66
CA MET A 149 -25.84 13.93 -17.10
C MET A 149 -25.55 14.01 -15.59
N THR A 150 -26.28 13.22 -14.81
CA THR A 150 -26.02 12.96 -13.36
C THR A 150 -24.92 11.90 -13.25
N GLN A 151 -24.43 11.65 -12.03
CA GLN A 151 -23.42 10.60 -11.73
C GLN A 151 -23.86 9.26 -12.33
N GLU A 152 -25.15 8.93 -12.22
CA GLU A 152 -25.73 7.63 -12.67
C GLU A 152 -25.75 7.58 -14.20
N ASP A 153 -26.05 8.71 -14.85
CA ASP A 153 -26.10 8.83 -16.34
C ASP A 153 -24.70 8.61 -16.92
N ILE A 154 -23.67 9.23 -16.31
CA ILE A 154 -22.24 9.12 -16.74
C ILE A 154 -21.77 7.68 -16.49
N SER A 155 -21.96 7.18 -15.27
CA SER A 155 -21.52 5.83 -14.81
C SER A 155 -22.04 4.75 -15.77
N ASP A 156 -23.25 4.92 -16.31
CA ASP A 156 -23.89 3.95 -17.24
C ASP A 156 -23.10 3.90 -18.55
N TYR A 157 -22.81 5.07 -19.14
CA TYR A 157 -22.08 5.17 -20.43
C TYR A 157 -20.69 4.56 -20.27
N VAL A 158 -20.01 4.81 -19.15
CA VAL A 158 -18.64 4.32 -18.87
C VAL A 158 -18.68 2.79 -18.74
N ALA A 159 -19.70 2.25 -18.07
CA ALA A 159 -19.88 0.82 -17.79
C ALA A 159 -20.18 0.04 -19.08
N ALA A 160 -21.02 0.60 -19.95
CA ALA A 160 -21.67 -0.10 -21.08
C ALA A 160 -20.96 0.18 -22.41
N ASN A 161 -20.17 1.26 -22.51
CA ASN A 161 -19.57 1.73 -23.80
C ASN A 161 -18.10 2.09 -23.64
N MET A 162 -17.42 1.68 -22.56
CA MET A 162 -16.01 2.04 -22.29
C MET A 162 -15.28 0.89 -21.59
N LYS A 163 -15.71 0.52 -20.38
CA LYS A 163 -15.00 -0.43 -19.47
C LYS A 163 -14.34 -1.55 -20.29
N ASP A 164 -15.10 -2.18 -21.19
CA ASP A 164 -14.69 -3.40 -21.94
C ASP A 164 -13.62 -3.04 -22.99
N ALA A 165 -13.85 -1.98 -23.78
CA ALA A 165 -12.93 -1.50 -24.85
C ALA A 165 -11.59 -1.07 -24.25
N ILE A 166 -11.58 -0.63 -22.98
CA ILE A 166 -10.36 -0.24 -22.21
C ILE A 166 -9.61 -1.52 -21.79
N SER A 167 -10.33 -2.52 -21.29
CA SER A 167 -9.77 -3.84 -20.87
C SER A 167 -9.08 -4.53 -22.07
N ARG A 168 -9.53 -4.23 -23.29
CA ARG A 168 -9.01 -4.82 -24.56
C ARG A 168 -7.72 -4.11 -25.02
N THR A 169 -7.42 -2.92 -24.49
CA THR A 169 -6.23 -2.11 -24.83
C THR A 169 -4.96 -2.87 -24.40
N SER A 170 -3.85 -2.65 -25.11
CA SER A 170 -2.58 -3.40 -24.99
C SER A 170 -1.93 -3.14 -23.63
N GLY A 171 -1.73 -4.20 -22.83
CA GLY A 171 -1.01 -4.16 -21.54
C GLY A 171 -1.91 -3.80 -20.37
N VAL A 172 -3.23 -3.89 -20.56
CA VAL A 172 -4.26 -3.58 -19.51
C VAL A 172 -4.64 -4.88 -18.80
N GLY A 173 -4.64 -4.87 -17.45
CA GLY A 173 -5.04 -6.00 -16.60
C GLY A 173 -6.41 -5.76 -15.98
N ASP A 174 -6.46 -5.58 -14.66
CA ASP A 174 -7.71 -5.34 -13.89
C ASP A 174 -8.27 -3.95 -14.23
N VAL A 175 -9.60 -3.78 -14.13
CA VAL A 175 -10.33 -2.49 -14.30
C VAL A 175 -11.49 -2.46 -13.30
N GLN A 176 -11.67 -1.34 -12.58
CA GLN A 176 -12.73 -1.15 -11.56
C GLN A 176 -13.47 0.17 -11.84
N LEU A 177 -14.80 0.12 -11.83
CA LEU A 177 -15.70 1.26 -12.19
C LEU A 177 -16.02 2.08 -10.94
N PHE A 178 -16.06 3.41 -11.07
CA PHE A 178 -16.49 4.37 -10.02
C PHE A 178 -18.01 4.58 -10.13
N GLY A 179 -18.76 3.56 -9.71
CA GLY A 179 -20.22 3.49 -9.85
C GLY A 179 -20.64 2.20 -10.52
N SER A 180 -21.81 2.20 -11.18
CA SER A 180 -22.45 1.01 -11.82
C SER A 180 -23.17 1.43 -13.10
N GLN A 181 -23.40 0.47 -14.01
CA GLN A 181 -24.30 0.63 -15.17
C GLN A 181 -25.72 0.87 -14.63
N TYR A 182 -26.62 1.37 -15.47
CA TYR A 182 -28.04 1.61 -15.13
C TYR A 182 -28.68 0.32 -14.60
N ALA A 183 -29.46 0.44 -13.53
CA ALA A 183 -30.43 -0.57 -13.07
C ALA A 183 -31.84 0.03 -13.19
N MET A 184 -32.82 -0.77 -13.60
CA MET A 184 -34.25 -0.35 -13.65
C MET A 184 -34.76 -0.27 -12.20
N ARG A 185 -35.03 0.95 -11.72
CA ARG A 185 -35.45 1.23 -10.32
C ARG A 185 -36.98 1.27 -10.26
N ILE A 186 -37.57 0.41 -9.42
CA ILE A 186 -39.00 0.48 -9.01
C ILE A 186 -39.05 1.06 -7.59
N TRP A 187 -39.34 2.36 -7.46
CA TRP A 187 -39.42 3.10 -6.17
C TRP A 187 -40.85 2.99 -5.63
N MET A 188 -41.10 1.99 -4.77
CA MET A 188 -42.45 1.59 -4.30
C MET A 188 -42.99 2.63 -3.32
N ASN A 189 -44.32 2.82 -3.33
CA ASN A 189 -45.08 3.75 -2.45
C ASN A 189 -45.97 2.93 -1.52
N PRO A 190 -45.74 2.94 -0.19
CA PRO A 190 -46.49 2.10 0.73
C PRO A 190 -47.96 2.51 0.90
N ASN A 191 -48.24 3.81 0.75
CA ASN A 191 -49.63 4.37 0.77
C ASN A 191 -50.44 3.71 -0.35
N GLU A 192 -49.91 3.75 -1.59
CA GLU A 192 -50.57 3.21 -2.80
C GLU A 192 -50.66 1.68 -2.72
N LEU A 193 -49.60 1.02 -2.24
CA LEU A 193 -49.55 -0.46 -2.04
C LEU A 193 -50.69 -0.89 -1.11
N ASN A 194 -50.81 -0.23 0.06
CA ASN A 194 -51.83 -0.53 1.10
C ASN A 194 -53.23 -0.28 0.52
N LYS A 195 -53.38 0.78 -0.29
CA LYS A 195 -54.67 1.21 -0.90
C LYS A 195 -55.26 0.10 -1.78
N PHE A 196 -54.42 -0.72 -2.42
CA PHE A 196 -54.85 -1.83 -3.32
C PHE A 196 -54.57 -3.20 -2.67
N GLN A 197 -54.31 -3.23 -1.36
CA GLN A 197 -54.04 -4.46 -0.57
C GLN A 197 -52.86 -5.24 -1.19
N LEU A 198 -51.75 -4.55 -1.47
CA LEU A 198 -50.55 -5.15 -2.12
C LEU A 198 -49.30 -4.90 -1.26
N THR A 199 -48.27 -5.74 -1.45
CA THR A 199 -46.97 -5.68 -0.73
C THR A 199 -45.82 -5.78 -1.74
N PRO A 200 -44.57 -5.47 -1.33
CA PRO A 200 -43.40 -5.71 -2.18
C PRO A 200 -43.32 -7.13 -2.77
N VAL A 201 -43.90 -8.13 -2.10
CA VAL A 201 -43.90 -9.55 -2.55
C VAL A 201 -44.66 -9.64 -3.89
N ASP A 202 -45.84 -9.04 -3.95
CA ASP A 202 -46.70 -9.03 -5.16
C ASP A 202 -45.99 -8.32 -6.32
N VAL A 203 -45.30 -7.21 -6.03
CA VAL A 203 -44.51 -6.42 -7.02
C VAL A 203 -43.42 -7.32 -7.61
N ILE A 204 -42.61 -7.94 -6.75
CA ILE A 204 -41.48 -8.84 -7.15
C ILE A 204 -42.05 -9.99 -7.99
N THR A 205 -43.13 -10.63 -7.53
CA THR A 205 -43.80 -11.76 -8.21
C THR A 205 -44.28 -11.32 -9.60
N ALA A 206 -44.89 -10.13 -9.71
CA ALA A 206 -45.44 -9.56 -10.96
C ALA A 206 -44.30 -9.26 -11.93
N ILE A 207 -43.17 -8.73 -11.43
CA ILE A 207 -41.98 -8.36 -12.24
C ILE A 207 -41.37 -9.62 -12.86
N LYS A 208 -41.22 -10.70 -12.08
CA LYS A 208 -40.60 -11.98 -12.54
C LYS A 208 -41.48 -12.62 -13.63
N ALA A 209 -42.79 -12.50 -13.49
CA ALA A 209 -43.79 -13.07 -14.42
C ALA A 209 -43.83 -12.26 -15.73
N GLN A 210 -43.93 -10.93 -15.62
CA GLN A 210 -44.26 -10.03 -16.77
C GLN A 210 -42.98 -9.43 -17.38
N ASN A 211 -41.86 -9.48 -16.67
CA ASN A 211 -40.50 -9.22 -17.24
C ASN A 211 -39.76 -10.56 -17.31
N ALA A 212 -40.05 -11.36 -18.34
CA ALA A 212 -39.56 -12.74 -18.52
C ALA A 212 -39.14 -12.97 -19.97
N GLN A 213 -38.11 -13.78 -20.18
CA GLN A 213 -37.68 -14.28 -21.50
C GLN A 213 -38.06 -15.76 -21.57
N VAL A 214 -39.06 -16.10 -22.37
CA VAL A 214 -39.71 -17.44 -22.42
C VAL A 214 -39.21 -18.20 -23.66
N ALA A 215 -38.72 -19.43 -23.44
CA ALA A 215 -38.43 -20.43 -24.50
C ALA A 215 -39.73 -21.14 -24.85
N ALA A 216 -40.14 -21.08 -26.13
CA ALA A 216 -41.48 -21.49 -26.61
C ALA A 216 -41.36 -22.48 -27.78
N GLY A 217 -40.16 -23.01 -28.04
CA GLY A 217 -39.93 -23.99 -29.12
C GLY A 217 -40.10 -23.37 -30.50
N GLN A 218 -40.56 -24.17 -31.46
CA GLN A 218 -40.67 -23.80 -32.90
C GLN A 218 -41.96 -24.37 -33.50
N LEU A 219 -42.46 -23.74 -34.57
CA LEU A 219 -43.41 -24.37 -35.53
C LEU A 219 -42.59 -25.36 -36.36
N GLY A 220 -43.11 -26.58 -36.55
CA GLY A 220 -42.45 -27.64 -37.32
C GLY A 220 -41.15 -28.07 -36.68
N GLY A 221 -41.03 -27.94 -35.35
CA GLY A 221 -39.85 -28.34 -34.56
C GLY A 221 -39.60 -29.83 -34.64
N THR A 222 -38.40 -30.27 -34.26
CA THR A 222 -37.95 -31.69 -34.32
C THR A 222 -38.34 -32.39 -33.03
N PRO A 223 -38.74 -33.69 -33.08
CA PRO A 223 -38.97 -34.41 -34.34
C PRO A 223 -40.27 -33.97 -35.00
N PRO A 224 -40.29 -33.68 -36.32
CA PRO A 224 -41.51 -33.21 -36.99
C PRO A 224 -42.37 -34.37 -37.52
N VAL A 225 -43.54 -34.05 -38.08
CA VAL A 225 -44.39 -34.99 -38.86
C VAL A 225 -43.98 -34.85 -40.34
N LYS A 226 -44.18 -35.90 -41.13
CA LYS A 226 -43.90 -35.90 -42.60
C LYS A 226 -44.84 -34.90 -43.27
N GLY A 227 -44.35 -34.18 -44.28
CA GLY A 227 -45.13 -33.21 -45.07
C GLY A 227 -45.09 -31.80 -44.51
N GLN A 228 -44.52 -31.61 -43.32
CA GLN A 228 -44.38 -30.29 -42.66
C GLN A 228 -43.73 -29.31 -43.64
N GLN A 229 -44.39 -28.16 -43.87
CA GLN A 229 -43.99 -27.15 -44.90
C GLN A 229 -43.15 -26.04 -44.26
N LEU A 230 -43.48 -25.64 -43.02
CA LEU A 230 -42.91 -24.44 -42.36
C LEU A 230 -42.16 -24.83 -41.07
N ASN A 231 -40.93 -24.33 -40.93
CA ASN A 231 -40.15 -24.33 -39.66
C ASN A 231 -39.89 -22.87 -39.26
N ALA A 232 -40.35 -22.45 -38.08
CA ALA A 232 -40.25 -21.06 -37.59
C ALA A 232 -40.12 -21.04 -36.07
N SER A 233 -39.17 -20.26 -35.54
CA SER A 233 -39.03 -19.99 -34.09
C SER A 233 -40.33 -19.40 -33.55
N ILE A 234 -40.76 -19.84 -32.37
CA ILE A 234 -41.93 -19.26 -31.63
C ILE A 234 -41.37 -18.23 -30.64
N ILE A 235 -41.85 -16.98 -30.73
CA ILE A 235 -41.48 -15.86 -29.83
C ILE A 235 -42.66 -15.62 -28.87
N ALA A 236 -42.43 -15.82 -27.58
CA ALA A 236 -43.37 -15.51 -26.48
C ALA A 236 -42.90 -14.22 -25.79
N GLN A 237 -43.05 -14.10 -24.47
CA GLN A 237 -42.64 -12.90 -23.70
C GLN A 237 -41.13 -12.69 -23.84
N THR A 238 -40.72 -11.44 -24.05
CA THR A 238 -39.29 -10.99 -24.07
C THR A 238 -39.09 -9.96 -22.95
N ARG A 239 -37.86 -9.85 -22.44
CA ARG A 239 -37.49 -8.87 -21.37
C ARG A 239 -38.00 -7.48 -21.75
N LEU A 240 -38.50 -6.72 -20.78
CA LEU A 240 -38.95 -5.32 -20.97
C LEU A 240 -37.71 -4.44 -21.20
N THR A 241 -37.87 -3.32 -21.92
CA THR A 241 -36.75 -2.50 -22.44
C THR A 241 -36.83 -1.04 -21.99
N SER A 242 -37.95 -0.62 -21.39
CA SER A 242 -38.24 0.81 -21.07
C SER A 242 -39.02 0.93 -19.76
N THR A 243 -38.96 2.10 -19.13
CA THR A 243 -39.72 2.46 -17.90
C THR A 243 -41.22 2.33 -18.19
N GLU A 244 -41.64 2.68 -19.41
CA GLU A 244 -43.06 2.60 -19.89
C GLU A 244 -43.56 1.16 -19.71
N GLU A 245 -42.84 0.19 -20.28
CA GLU A 245 -43.21 -1.26 -20.28
C GLU A 245 -43.31 -1.78 -18.84
N PHE A 246 -42.37 -1.40 -17.98
CA PHE A 246 -42.35 -1.77 -16.54
C PHE A 246 -43.57 -1.15 -15.84
N GLY A 247 -43.97 0.04 -16.25
CA GLY A 247 -45.15 0.77 -15.73
C GLY A 247 -46.45 0.06 -16.04
N LYS A 248 -46.53 -0.67 -17.16
CA LYS A 248 -47.76 -1.34 -17.65
C LYS A 248 -47.99 -2.68 -16.94
N ILE A 249 -46.99 -3.17 -16.20
CA ILE A 249 -47.08 -4.49 -15.49
C ILE A 249 -48.36 -4.50 -14.66
N LEU A 250 -49.29 -5.39 -14.99
CA LEU A 250 -50.63 -5.50 -14.34
C LEU A 250 -50.47 -6.31 -13.05
N LEU A 251 -50.52 -5.63 -11.90
CA LEU A 251 -50.34 -6.24 -10.56
C LEU A 251 -51.60 -7.03 -10.18
N LYS A 252 -52.79 -6.47 -10.43
CA LYS A 252 -54.09 -7.12 -10.13
C LYS A 252 -55.22 -6.44 -10.92
N VAL A 253 -56.35 -7.15 -11.06
CA VAL A 253 -57.64 -6.62 -11.59
C VAL A 253 -58.62 -6.55 -10.41
N ASN A 254 -59.11 -5.34 -10.10
CA ASN A 254 -60.08 -5.09 -8.99
C ASN A 254 -61.42 -5.78 -9.33
N GLN A 255 -62.29 -5.93 -8.32
CA GLN A 255 -63.62 -6.58 -8.45
C GLN A 255 -64.51 -5.76 -9.39
N ASP A 256 -64.45 -4.43 -9.27
CA ASP A 256 -65.23 -3.47 -10.12
C ASP A 256 -64.74 -3.56 -11.57
N GLY A 257 -63.52 -4.07 -11.80
CA GLY A 257 -62.96 -4.36 -13.13
C GLY A 257 -61.85 -3.40 -13.51
N SER A 258 -61.47 -2.48 -12.62
CA SER A 258 -60.36 -1.50 -12.82
C SER A 258 -59.01 -2.22 -12.68
N ARG A 259 -57.94 -1.60 -13.19
CA ARG A 259 -56.58 -2.18 -13.26
C ARG A 259 -55.64 -1.44 -12.29
N VAL A 260 -54.83 -2.20 -11.55
CA VAL A 260 -53.68 -1.68 -10.75
C VAL A 260 -52.39 -2.02 -11.51
N LEU A 261 -51.83 -1.03 -12.21
CA LEU A 261 -50.52 -1.15 -12.90
C LEU A 261 -49.40 -0.88 -11.89
N LEU A 262 -48.15 -1.24 -12.22
CA LEU A 262 -46.97 -1.06 -11.34
C LEU A 262 -46.75 0.45 -11.11
N ARG A 263 -47.04 1.29 -12.10
CA ARG A 263 -46.82 2.76 -12.04
C ARG A 263 -47.87 3.41 -11.14
N ASP A 264 -48.90 2.67 -10.71
CA ASP A 264 -49.94 3.14 -9.77
C ASP A 264 -49.47 2.97 -8.32
N VAL A 265 -48.40 2.21 -8.09
CA VAL A 265 -47.86 1.94 -6.72
C VAL A 265 -46.37 2.30 -6.61
N ALA A 266 -45.74 2.74 -7.69
CA ALA A 266 -44.26 2.97 -7.73
C ALA A 266 -43.89 4.02 -8.78
N LYS A 267 -42.78 4.73 -8.52
CA LYS A 267 -42.06 5.57 -9.52
C LYS A 267 -41.03 4.68 -10.22
N ILE A 268 -40.87 4.86 -11.54
CA ILE A 268 -40.07 3.98 -12.44
C ILE A 268 -39.07 4.84 -13.21
N GLU A 269 -37.77 4.63 -12.95
CA GLU A 269 -36.67 5.39 -13.61
C GLU A 269 -35.43 4.49 -13.74
N LEU A 270 -34.59 4.76 -14.73
CA LEU A 270 -33.21 4.23 -14.81
C LEU A 270 -32.36 4.94 -13.74
N GLY A 271 -31.73 4.15 -12.87
CA GLY A 271 -30.81 4.64 -11.82
C GLY A 271 -29.64 3.70 -11.63
N GLY A 272 -28.82 3.92 -10.61
CA GLY A 272 -27.68 3.05 -10.27
C GLY A 272 -28.12 1.77 -9.59
N GLU A 273 -27.31 0.71 -9.67
CA GLU A 273 -27.46 -0.54 -8.88
C GLU A 273 -27.33 -0.19 -7.39
N ASN A 274 -26.45 0.77 -7.08
CA ASN A 274 -26.04 1.17 -5.70
C ASN A 274 -25.92 2.70 -5.68
N TYR A 275 -26.17 3.32 -4.53
CA TYR A 275 -26.11 4.80 -4.32
C TYR A 275 -25.19 5.14 -3.14
N ASP A 276 -24.35 4.20 -2.70
CA ASP A 276 -23.54 4.32 -1.46
C ASP A 276 -22.24 5.10 -1.72
N ILE A 277 -21.92 5.41 -2.99
CA ILE A 277 -20.71 6.19 -3.37
C ILE A 277 -21.10 7.35 -4.30
N ILE A 278 -20.71 8.58 -3.93
CA ILE A 278 -20.86 9.81 -4.76
C ILE A 278 -19.45 10.32 -5.13
N ALA A 279 -19.15 10.35 -6.43
CA ALA A 279 -17.86 10.78 -7.00
C ALA A 279 -18.03 12.15 -7.68
N GLU A 280 -17.08 13.07 -7.43
CA GLU A 280 -17.05 14.43 -8.05
C GLU A 280 -15.62 14.75 -8.52
N PHE A 281 -15.50 15.56 -9.57
CA PHE A 281 -14.22 16.03 -10.15
C PHE A 281 -14.27 17.56 -10.29
N ASN A 282 -13.67 18.28 -9.34
CA ASN A 282 -13.76 19.76 -9.21
C ASN A 282 -15.23 20.16 -9.01
N GLY A 283 -15.96 19.40 -8.18
CA GLY A 283 -17.30 19.75 -7.69
C GLY A 283 -18.44 19.24 -8.57
N GLN A 284 -18.15 18.85 -9.81
CA GLN A 284 -19.18 18.43 -10.81
C GLN A 284 -19.30 16.91 -10.80
N PRO A 285 -20.48 16.33 -11.13
CA PRO A 285 -20.68 14.89 -11.07
C PRO A 285 -19.72 14.15 -12.02
N ALA A 286 -19.25 12.97 -11.62
CA ALA A 286 -18.21 12.20 -12.34
C ALA A 286 -18.38 10.69 -12.09
N SER A 287 -17.95 9.89 -13.07
CA SER A 287 -17.61 8.45 -12.93
C SER A 287 -16.13 8.29 -13.28
N GLY A 288 -15.64 7.05 -13.42
CA GLY A 288 -14.24 6.80 -13.79
C GLY A 288 -13.88 5.33 -13.74
N LEU A 289 -12.63 5.01 -14.11
CA LEU A 289 -12.08 3.63 -14.20
C LEU A 289 -10.70 3.59 -13.54
N GLY A 290 -10.52 2.75 -12.52
CA GLY A 290 -9.23 2.42 -11.92
C GLY A 290 -8.54 1.30 -12.68
N ILE A 291 -7.69 1.65 -13.65
CA ILE A 291 -6.99 0.68 -14.55
C ILE A 291 -5.71 0.19 -13.85
N LYS A 292 -5.41 -1.10 -13.95
CA LYS A 292 -4.18 -1.75 -13.42
C LYS A 292 -3.33 -2.29 -14.58
N LEU A 293 -2.02 -2.40 -14.36
CA LEU A 293 -1.05 -2.91 -15.37
C LEU A 293 -1.05 -4.44 -15.33
N ALA A 294 -0.81 -5.08 -16.49
CA ALA A 294 -0.76 -6.56 -16.66
C ALA A 294 0.66 -7.06 -16.39
N THR A 295 0.81 -8.38 -16.22
CA THR A 295 2.10 -9.08 -15.94
C THR A 295 3.08 -8.79 -17.08
N GLY A 296 4.21 -8.15 -16.77
CA GLY A 296 5.28 -7.81 -17.73
C GLY A 296 4.78 -6.95 -18.88
N ALA A 297 3.87 -6.02 -18.59
CA ALA A 297 3.28 -5.08 -19.57
C ALA A 297 4.01 -3.73 -19.47
N ASN A 298 4.26 -3.09 -20.61
CA ASN A 298 4.93 -1.76 -20.71
C ASN A 298 3.94 -0.68 -20.25
N ALA A 299 4.25 -0.02 -19.12
CA ALA A 299 3.42 1.03 -18.49
C ALA A 299 3.31 2.25 -19.41
N LEU A 300 4.41 2.60 -20.09
CA LEU A 300 4.49 3.78 -21.00
C LEU A 300 3.71 3.51 -22.29
N ASP A 301 3.57 2.24 -22.70
CA ASP A 301 2.77 1.82 -23.89
C ASP A 301 1.29 1.78 -23.49
N THR A 302 0.96 1.08 -22.41
CA THR A 302 -0.43 0.91 -21.87
C THR A 302 -1.07 2.29 -21.71
N ALA A 303 -0.36 3.23 -21.07
CA ALA A 303 -0.80 4.62 -20.83
C ALA A 303 -1.13 5.31 -22.14
N ALA A 304 -0.19 5.30 -23.10
CA ALA A 304 -0.30 5.90 -24.44
C ALA A 304 -1.40 5.19 -25.24
N ALA A 305 -1.50 3.87 -25.11
CA ALA A 305 -2.48 3.00 -25.82
C ALA A 305 -3.90 3.40 -25.41
N ILE A 306 -4.15 3.59 -24.11
CA ILE A 306 -5.47 3.97 -23.53
C ILE A 306 -5.83 5.37 -24.01
N ARG A 307 -4.91 6.34 -23.85
CA ARG A 307 -5.10 7.76 -24.24
C ARG A 307 -5.45 7.88 -25.73
N ALA A 308 -4.88 6.99 -26.56
CA ALA A 308 -5.12 6.91 -28.03
C ALA A 308 -6.49 6.29 -28.29
N GLU A 309 -6.85 5.23 -27.55
CA GLU A 309 -8.11 4.46 -27.72
C GLU A 309 -9.30 5.33 -27.25
N LEU A 310 -9.11 6.08 -26.16
CA LEU A 310 -10.13 7.01 -25.60
C LEU A 310 -10.38 8.18 -26.57
N ALA A 311 -9.34 8.63 -27.27
CA ALA A 311 -9.40 9.70 -28.28
C ALA A 311 -10.06 9.19 -29.57
N LYS A 312 -10.08 7.86 -29.76
CA LYS A 312 -10.75 7.17 -30.91
C LYS A 312 -12.27 7.16 -30.69
N MET A 313 -12.72 7.23 -29.43
CA MET A 313 -14.16 7.20 -29.05
C MET A 313 -14.69 8.63 -28.86
N GLU A 314 -13.81 9.64 -28.84
CA GLU A 314 -14.16 11.07 -28.62
C GLU A 314 -15.34 11.47 -29.51
N PRO A 315 -15.32 11.18 -30.84
CA PRO A 315 -16.45 11.47 -31.72
C PRO A 315 -17.73 10.70 -31.38
N PHE A 316 -17.59 9.47 -30.86
CA PHE A 316 -18.71 8.55 -30.50
C PHE A 316 -19.39 9.00 -29.20
N PHE A 317 -18.75 9.86 -28.40
CA PHE A 317 -19.27 10.34 -27.09
C PHE A 317 -20.49 11.23 -27.31
N PRO A 318 -21.47 11.22 -26.38
CA PRO A 318 -22.54 12.22 -26.38
C PRO A 318 -21.97 13.61 -26.07
N SER A 319 -22.75 14.67 -26.30
CA SER A 319 -22.35 16.08 -26.08
C SER A 319 -21.93 16.29 -24.63
N GLY A 320 -20.75 16.89 -24.41
CA GLY A 320 -20.25 17.31 -23.08
C GLY A 320 -19.30 16.30 -22.47
N LEU A 321 -19.41 15.02 -22.83
CA LEU A 321 -18.67 13.91 -22.18
C LEU A 321 -17.17 14.07 -22.44
N LYS A 322 -16.40 14.39 -21.39
CA LYS A 322 -14.95 14.68 -21.46
C LYS A 322 -14.18 13.67 -20.59
N ILE A 323 -13.05 13.17 -21.09
CA ILE A 323 -12.13 12.25 -20.37
C ILE A 323 -11.07 13.09 -19.66
N VAL A 324 -10.89 12.87 -18.35
CA VAL A 324 -9.87 13.57 -17.50
C VAL A 324 -9.02 12.49 -16.80
N TYR A 325 -7.85 12.89 -16.29
CA TYR A 325 -6.82 11.97 -15.73
C TYR A 325 -6.40 12.46 -14.35
N PRO A 326 -7.29 12.34 -13.32
CA PRO A 326 -6.97 12.80 -11.97
C PRO A 326 -5.80 12.06 -11.28
N TYR A 327 -5.49 10.85 -11.73
CA TYR A 327 -4.36 10.02 -11.21
C TYR A 327 -3.69 9.29 -12.38
N ASP A 328 -2.41 9.57 -12.59
CA ASP A 328 -1.56 8.90 -13.63
C ASP A 328 -0.12 8.84 -13.11
N THR A 329 0.50 7.66 -13.20
CA THR A 329 1.89 7.39 -12.72
C THR A 329 2.86 7.35 -13.90
N THR A 330 2.36 7.60 -15.12
CA THR A 330 3.15 7.63 -16.39
C THR A 330 4.08 8.85 -16.39
N PRO A 331 3.58 10.07 -16.09
CA PRO A 331 4.42 11.27 -16.09
C PRO A 331 5.65 11.19 -15.16
N PHE A 332 5.52 10.50 -14.03
CA PHE A 332 6.59 10.34 -13.01
C PHE A 332 7.64 9.33 -13.51
N VAL A 333 7.21 8.28 -14.21
CA VAL A 333 8.09 7.22 -14.78
C VAL A 333 8.95 7.82 -15.88
N LYS A 334 8.39 8.69 -16.73
CA LYS A 334 9.08 9.35 -17.87
C LYS A 334 10.20 10.26 -17.34
N ILE A 335 9.93 10.99 -16.24
CA ILE A 335 10.93 11.90 -15.59
C ILE A 335 11.99 11.04 -14.89
N SER A 336 11.57 10.06 -14.09
CA SER A 336 12.46 9.10 -13.37
C SER A 336 13.46 8.48 -14.34
N ILE A 337 13.01 8.14 -15.56
CA ILE A 337 13.86 7.58 -16.65
C ILE A 337 14.77 8.67 -17.20
N HIS A 338 14.18 9.74 -17.75
CA HIS A 338 14.88 10.91 -18.36
C HIS A 338 16.01 11.39 -17.43
N GLU A 339 15.73 11.46 -16.12
CA GLU A 339 16.70 11.94 -15.09
C GLU A 339 17.84 10.93 -14.93
N VAL A 340 17.55 9.63 -14.98
CA VAL A 340 18.57 8.54 -14.86
C VAL A 340 19.44 8.53 -16.13
N VAL A 341 18.83 8.64 -17.32
CA VAL A 341 19.55 8.69 -18.63
C VAL A 341 20.46 9.92 -18.63
N LYS A 342 19.96 11.05 -18.11
CA LYS A 342 20.70 12.33 -17.99
C LYS A 342 21.94 12.12 -17.12
N THR A 343 21.81 11.39 -16.01
CA THR A 343 22.90 11.07 -15.06
C THR A 343 23.96 10.21 -15.77
N LEU A 344 23.53 9.25 -16.59
CA LEU A 344 24.41 8.31 -17.34
C LEU A 344 25.19 9.08 -18.42
N VAL A 345 24.53 10.01 -19.12
CA VAL A 345 25.15 10.85 -20.19
C VAL A 345 26.12 11.85 -19.53
N GLU A 346 25.70 12.49 -18.43
CA GLU A 346 26.51 13.46 -17.65
C GLU A 346 27.78 12.76 -17.13
N ALA A 347 27.65 11.52 -16.65
CA ALA A 347 28.76 10.69 -16.11
C ALA A 347 29.78 10.39 -17.20
N ILE A 348 29.33 10.17 -18.44
CA ILE A 348 30.19 9.84 -19.61
C ILE A 348 30.99 11.09 -20.02
N ILE A 349 30.33 12.24 -20.16
CA ILE A 349 30.98 13.53 -20.57
C ILE A 349 31.88 14.04 -19.44
N LEU A 350 31.68 13.55 -18.21
CA LEU A 350 32.55 13.87 -17.03
C LEU A 350 33.81 13.01 -17.10
N VAL A 351 33.69 11.74 -17.48
CA VAL A 351 34.84 10.81 -17.70
C VAL A 351 35.70 11.36 -18.84
N PHE A 352 35.07 11.89 -19.91
CA PHE A 352 35.74 12.54 -21.06
C PHE A 352 36.64 13.68 -20.57
N LEU A 353 36.12 14.53 -19.68
CA LEU A 353 36.82 15.74 -19.14
C LEU A 353 38.00 15.29 -18.27
N VAL A 354 37.78 14.34 -17.35
CA VAL A 354 38.80 13.84 -16.39
C VAL A 354 39.90 13.10 -17.16
N MET A 355 39.55 12.37 -18.23
CA MET A 355 40.50 11.59 -19.06
C MET A 355 41.38 12.53 -19.89
N TYR A 356 40.86 13.70 -20.27
CA TYR A 356 41.59 14.72 -21.08
C TYR A 356 42.47 15.60 -20.17
N LEU A 357 42.14 15.69 -18.88
CA LEU A 357 42.93 16.44 -17.87
C LEU A 357 44.24 15.71 -17.60
N PHE A 358 44.18 14.38 -17.47
CA PHE A 358 45.29 13.51 -16.99
C PHE A 358 46.14 12.98 -18.15
N LEU A 359 45.50 12.48 -19.22
CA LEU A 359 46.19 11.85 -20.38
C LEU A 359 46.43 12.89 -21.49
N GLN A 360 45.53 13.88 -21.62
CA GLN A 360 45.72 15.11 -22.44
C GLN A 360 45.85 14.74 -23.93
N ASN A 361 44.89 13.96 -24.45
CA ASN A 361 44.75 13.64 -25.90
C ASN A 361 43.35 13.06 -26.14
N PHE A 362 42.78 13.32 -27.32
CA PHE A 362 41.39 12.95 -27.71
C PHE A 362 41.31 11.48 -28.15
N ARG A 363 42.45 10.81 -28.36
CA ARG A 363 42.50 9.41 -28.84
CA ARG A 363 42.51 9.41 -28.84
C ARG A 363 42.24 8.46 -27.65
N ALA A 364 42.82 8.77 -26.50
CA ALA A 364 42.68 7.99 -25.24
C ALA A 364 41.34 8.27 -24.57
N THR A 365 40.77 9.46 -24.79
CA THR A 365 39.55 9.96 -24.10
C THR A 365 38.29 9.27 -24.68
N LEU A 366 38.40 8.64 -25.86
CA LEU A 366 37.26 8.03 -26.58
C LEU A 366 37.05 6.57 -26.17
N ILE A 367 38.05 5.92 -25.56
CA ILE A 367 38.00 4.47 -25.21
C ILE A 367 36.97 4.24 -24.11
N PRO A 368 36.98 4.99 -22.98
CA PRO A 368 35.91 4.91 -21.98
C PRO A 368 34.56 5.43 -22.51
N THR A 369 34.60 6.36 -23.47
CA THR A 369 33.42 6.97 -24.13
C THR A 369 32.71 5.93 -25.00
N ILE A 370 33.40 4.84 -25.38
CA ILE A 370 32.84 3.73 -26.23
C ILE A 370 32.47 2.54 -25.34
N ALA A 371 33.37 2.14 -24.42
CA ALA A 371 33.26 0.89 -23.61
C ALA A 371 32.10 1.00 -22.62
N VAL A 372 31.96 2.13 -21.92
CA VAL A 372 30.94 2.32 -20.84
C VAL A 372 29.54 2.18 -21.43
N PRO A 373 29.16 2.99 -22.46
CA PRO A 373 27.86 2.81 -23.12
C PRO A 373 27.54 1.40 -23.61
N VAL A 374 28.52 0.70 -24.19
CA VAL A 374 28.40 -0.70 -24.69
C VAL A 374 27.90 -1.58 -23.54
N VAL A 375 28.53 -1.47 -22.36
CA VAL A 375 28.22 -2.29 -21.15
C VAL A 375 26.81 -1.94 -20.66
N LEU A 376 26.48 -0.64 -20.56
CA LEU A 376 25.15 -0.14 -20.12
C LEU A 376 24.07 -0.77 -21.01
N LEU A 377 24.22 -0.67 -22.34
CA LEU A 377 23.29 -1.28 -23.33
C LEU A 377 23.21 -2.79 -23.11
N GLY A 378 24.37 -3.46 -23.09
CA GLY A 378 24.49 -4.93 -22.93
C GLY A 378 23.77 -5.43 -21.71
N THR A 379 23.79 -4.67 -20.61
CA THR A 379 23.16 -5.03 -19.31
C THR A 379 21.65 -5.27 -19.54
N PHE A 380 20.99 -4.40 -20.30
CA PHE A 380 19.54 -4.50 -20.63
C PHE A 380 19.24 -5.85 -21.28
N ALA A 381 20.10 -6.29 -22.20
CA ALA A 381 20.00 -7.60 -22.88
C ALA A 381 20.09 -8.74 -21.84
N VAL A 382 20.97 -8.58 -20.85
CA VAL A 382 21.13 -9.55 -19.72
C VAL A 382 19.86 -9.49 -18.84
N LEU A 383 19.40 -8.28 -18.50
CA LEU A 383 18.16 -8.05 -17.71
C LEU A 383 16.97 -8.71 -18.43
N ALA A 384 16.88 -8.55 -19.75
CA ALA A 384 15.84 -9.14 -20.62
C ALA A 384 15.90 -10.68 -20.52
N ALA A 385 17.09 -11.25 -20.45
CA ALA A 385 17.35 -12.71 -20.35
C ALA A 385 16.85 -13.26 -19.01
N PHE A 386 16.96 -12.46 -17.93
CA PHE A 386 16.55 -12.83 -16.55
C PHE A 386 15.04 -12.54 -16.35
N GLY A 387 14.44 -11.78 -17.25
CA GLY A 387 13.00 -11.45 -17.25
C GLY A 387 12.69 -10.20 -16.43
N PHE A 388 13.70 -9.35 -16.21
CA PHE A 388 13.60 -8.08 -15.43
C PHE A 388 13.02 -6.99 -16.34
N SER A 389 12.63 -5.87 -15.73
CA SER A 389 12.02 -4.69 -16.41
C SER A 389 12.90 -3.45 -16.18
N ILE A 390 12.74 -2.43 -17.03
CA ILE A 390 13.32 -1.08 -16.84
C ILE A 390 12.45 -0.36 -15.79
N ASN A 391 12.96 -0.24 -14.56
CA ASN A 391 12.22 0.39 -13.42
C ASN A 391 13.20 1.18 -12.55
N THR A 392 12.67 1.95 -11.60
CA THR A 392 13.43 2.86 -10.68
C THR A 392 14.63 2.11 -10.09
N LEU A 393 14.44 0.85 -9.68
CA LEU A 393 15.47 0.05 -8.94
C LEU A 393 16.59 -0.37 -9.89
N THR A 394 16.25 -0.98 -11.04
CA THR A 394 17.22 -1.43 -12.08
C THR A 394 17.91 -0.20 -12.70
N MET A 395 17.18 0.91 -12.83
CA MET A 395 17.69 2.18 -13.42
C MET A 395 18.77 2.79 -12.52
N PHE A 396 18.48 2.94 -11.21
CA PHE A 396 19.44 3.46 -10.20
C PHE A 396 20.53 2.42 -9.93
N GLY A 397 20.22 1.14 -10.12
CA GLY A 397 21.19 0.03 -10.06
C GLY A 397 22.36 0.25 -11.01
N MET A 398 22.08 0.81 -12.19
CA MET A 398 23.10 1.14 -13.23
C MET A 398 23.85 2.42 -12.83
N VAL A 399 23.14 3.41 -12.29
CA VAL A 399 23.72 4.69 -11.80
C VAL A 399 24.74 4.38 -10.69
N LEU A 400 24.40 3.47 -9.77
CA LEU A 400 25.25 3.07 -8.62
C LEU A 400 26.45 2.26 -9.12
N ALA A 401 26.33 1.58 -10.25
CA ALA A 401 27.35 0.68 -10.84
C ALA A 401 28.31 1.47 -11.74
N ILE A 402 27.92 2.66 -12.21
CA ILE A 402 28.68 3.47 -13.21
C ILE A 402 30.14 3.63 -12.76
N GLY A 403 30.37 3.78 -11.44
CA GLY A 403 31.72 3.86 -10.84
C GLY A 403 32.55 2.64 -11.16
N LEU A 404 31.95 1.44 -11.12
CA LEU A 404 32.61 0.14 -11.39
C LEU A 404 32.89 0.00 -12.89
N LEU A 405 31.96 0.44 -13.74
CA LEU A 405 32.03 0.32 -15.22
C LEU A 405 33.07 1.31 -15.75
N VAL A 406 33.07 2.54 -15.20
CA VAL A 406 34.03 3.63 -15.55
C VAL A 406 35.45 3.18 -15.17
N ASP A 407 35.61 2.53 -14.01
CA ASP A 407 36.93 2.09 -13.48
C ASP A 407 37.56 1.08 -14.45
N ASP A 408 36.79 0.07 -14.87
CA ASP A 408 37.24 -1.01 -15.80
C ASP A 408 37.80 -0.38 -17.09
N ALA A 409 37.24 0.74 -17.54
CA ALA A 409 37.70 1.51 -18.73
C ALA A 409 39.00 2.25 -18.41
N ILE A 410 38.99 3.06 -17.34
CA ILE A 410 40.15 3.91 -16.90
C ILE A 410 41.35 2.99 -16.61
N VAL A 411 41.15 1.98 -15.74
CA VAL A 411 42.21 1.03 -15.28
C VAL A 411 43.02 0.53 -16.49
N VAL A 412 42.32 0.11 -17.56
CA VAL A 412 42.92 -0.49 -18.78
C VAL A 412 43.71 0.58 -19.55
N VAL A 413 43.06 1.71 -19.86
CA VAL A 413 43.61 2.80 -20.73
C VAL A 413 44.77 3.48 -20.00
N GLU A 414 44.62 3.77 -18.71
CA GLU A 414 45.65 4.42 -17.85
C GLU A 414 46.93 3.56 -17.85
N ASN A 415 46.78 2.25 -17.58
CA ASN A 415 47.91 1.32 -17.36
C ASN A 415 48.73 1.18 -18.64
N VAL A 416 48.12 1.34 -19.81
CA VAL A 416 48.79 1.33 -21.14
C VAL A 416 49.56 2.66 -21.31
N GLU A 417 48.92 3.79 -21.00
CA GLU A 417 49.49 5.16 -21.07
C GLU A 417 50.66 5.29 -20.09
N ARG A 418 50.64 4.54 -18.98
CA ARG A 418 51.72 4.49 -17.98
C ARG A 418 52.92 3.73 -18.57
N VAL A 419 52.68 2.48 -18.99
CA VAL A 419 53.72 1.54 -19.53
C VAL A 419 54.43 2.19 -20.71
N MET A 420 53.68 2.81 -21.63
CA MET A 420 54.23 3.50 -22.85
C MET A 420 55.18 4.63 -22.43
N ALA A 421 54.77 5.46 -21.46
CA ALA A 421 55.52 6.64 -20.99
C ALA A 421 56.73 6.21 -20.16
N GLU A 422 56.63 5.09 -19.43
CA GLU A 422 57.68 4.59 -18.50
C GLU A 422 58.73 3.80 -19.28
N GLU A 423 58.31 2.96 -20.23
CA GLU A 423 59.16 1.93 -20.88
C GLU A 423 59.49 2.30 -22.34
N GLY A 424 58.58 3.00 -23.04
CA GLY A 424 58.77 3.46 -24.42
C GLY A 424 58.36 2.44 -25.46
N LEU A 425 57.55 1.44 -25.06
CA LEU A 425 57.02 0.38 -25.95
C LEU A 425 55.95 0.97 -26.86
N PRO A 426 55.77 0.45 -28.10
CA PRO A 426 54.69 0.89 -28.98
C PRO A 426 53.32 0.49 -28.42
N PRO A 427 52.23 1.17 -28.85
CA PRO A 427 50.88 0.89 -28.32
C PRO A 427 50.47 -0.59 -28.28
N LYS A 428 50.69 -1.32 -29.39
CA LYS A 428 50.29 -2.74 -29.54
C LYS A 428 51.04 -3.61 -28.53
N GLU A 429 52.35 -3.38 -28.37
CA GLU A 429 53.23 -4.15 -27.43
C GLU A 429 52.96 -3.70 -25.99
N ALA A 430 52.73 -2.41 -25.78
CA ALA A 430 52.47 -1.78 -24.46
C ALA A 430 51.19 -2.37 -23.85
N THR A 431 50.15 -2.58 -24.69
CA THR A 431 48.83 -3.11 -24.28
C THR A 431 48.96 -4.57 -23.84
N ARG A 432 49.73 -5.38 -24.58
CA ARG A 432 49.97 -6.82 -24.30
C ARG A 432 50.56 -6.98 -22.89
N LYS A 433 51.60 -6.17 -22.58
CA LYS A 433 52.28 -6.16 -21.26
C LYS A 433 51.31 -5.62 -20.20
N SER A 434 50.67 -4.48 -20.49
CA SER A 434 49.71 -3.77 -19.60
C SER A 434 48.55 -4.72 -19.22
N MET A 435 47.95 -5.38 -20.21
CA MET A 435 46.83 -6.35 -20.00
C MET A 435 47.35 -7.57 -19.24
N GLY A 436 48.60 -7.98 -19.49
CA GLY A 436 49.27 -9.10 -18.79
C GLY A 436 49.32 -8.90 -17.28
N GLN A 437 49.38 -7.64 -16.82
CA GLN A 437 49.52 -7.27 -15.39
C GLN A 437 48.17 -7.28 -14.68
N ILE A 438 47.08 -6.97 -15.39
CA ILE A 438 45.73 -6.69 -14.80
C ILE A 438 44.73 -7.80 -15.13
N GLN A 439 44.86 -8.47 -16.29
CA GLN A 439 43.92 -9.50 -16.81
C GLN A 439 43.46 -10.42 -15.66
N GLY A 440 44.41 -11.05 -14.97
CA GLY A 440 44.16 -12.04 -13.90
C GLY A 440 43.42 -11.43 -12.71
N ALA A 441 43.71 -10.17 -12.38
CA ALA A 441 43.08 -9.42 -11.27
C ALA A 441 41.63 -9.09 -11.63
N LEU A 442 41.37 -8.62 -12.85
CA LEU A 442 40.03 -8.22 -13.34
C LEU A 442 39.05 -9.39 -13.19
N VAL A 443 39.50 -10.61 -13.50
CA VAL A 443 38.71 -11.87 -13.37
C VAL A 443 38.47 -12.13 -11.87
N GLY A 444 39.52 -12.02 -11.05
CA GLY A 444 39.45 -12.18 -9.59
C GLY A 444 38.52 -11.17 -8.95
N ILE A 445 38.61 -9.91 -9.38
CA ILE A 445 37.74 -8.78 -8.92
C ILE A 445 36.27 -9.14 -9.19
N ALA A 446 35.98 -9.68 -10.38
CA ALA A 446 34.61 -10.09 -10.81
C ALA A 446 34.03 -11.10 -9.81
N MET A 447 34.82 -12.12 -9.43
CA MET A 447 34.42 -13.19 -8.49
C MET A 447 34.17 -12.59 -7.11
N VAL A 448 35.03 -11.64 -6.68
CA VAL A 448 34.94 -10.94 -5.36
C VAL A 448 33.68 -10.06 -5.35
N LEU A 449 33.51 -9.21 -6.38
CA LEU A 449 32.34 -8.30 -6.51
C LEU A 449 31.04 -9.12 -6.53
N SER A 450 31.03 -10.26 -7.23
CA SER A 450 29.89 -11.21 -7.27
C SER A 450 29.49 -11.58 -5.84
N ALA A 451 30.46 -12.02 -5.04
CA ALA A 451 30.27 -12.49 -3.64
C ALA A 451 29.76 -11.35 -2.75
N VAL A 452 30.02 -10.09 -3.13
CA VAL A 452 29.56 -8.88 -2.38
C VAL A 452 28.07 -8.64 -2.67
N PHE A 453 27.65 -8.78 -3.94
CA PHE A 453 26.32 -8.32 -4.46
C PHE A 453 25.32 -9.49 -4.57
N VAL A 454 25.78 -10.69 -4.94
CA VAL A 454 24.89 -11.86 -5.24
C VAL A 454 24.09 -12.24 -4.00
N PRO A 455 24.70 -12.39 -2.79
CA PRO A 455 23.96 -12.80 -1.60
C PRO A 455 22.79 -11.86 -1.23
N MET A 456 22.85 -10.61 -1.70
CA MET A 456 21.82 -9.56 -1.48
C MET A 456 20.48 -9.99 -2.10
N ALA A 457 20.50 -10.83 -3.13
CA ALA A 457 19.31 -11.31 -3.88
C ALA A 457 18.57 -12.40 -3.09
N PHE A 458 19.26 -13.11 -2.19
CA PHE A 458 18.73 -14.29 -1.45
C PHE A 458 18.07 -13.86 -0.14
N PHE A 459 17.87 -12.55 0.07
CA PHE A 459 16.94 -12.00 1.08
C PHE A 459 15.51 -12.39 0.71
N GLY A 460 14.69 -12.75 1.70
CA GLY A 460 13.27 -13.09 1.53
C GLY A 460 12.38 -11.86 1.70
N GLY A 461 11.08 -12.01 1.41
CA GLY A 461 10.07 -10.95 1.60
C GLY A 461 10.18 -9.88 0.52
N SER A 462 9.59 -8.70 0.78
CA SER A 462 9.50 -7.56 -0.17
C SER A 462 10.83 -6.79 -0.19
N THR A 463 11.52 -6.68 0.93
CA THR A 463 12.87 -6.02 1.03
C THR A 463 13.85 -6.78 0.14
N GLY A 464 13.81 -8.12 0.17
CA GLY A 464 14.63 -9.00 -0.69
C GLY A 464 14.32 -8.79 -2.15
N ALA A 465 13.04 -8.63 -2.50
CA ALA A 465 12.55 -8.37 -3.87
C ALA A 465 13.14 -7.06 -4.39
N ILE A 466 13.17 -6.02 -3.55
CA ILE A 466 13.80 -4.70 -3.86
C ILE A 466 15.29 -4.91 -4.08
N TYR A 467 15.97 -5.54 -3.11
CA TYR A 467 17.43 -5.79 -3.10
C TYR A 467 17.86 -6.55 -4.36
N ARG A 468 17.10 -7.59 -4.72
CA ARG A 468 17.43 -8.52 -5.84
C ARG A 468 17.49 -7.75 -7.17
N GLN A 469 16.74 -6.66 -7.30
CA GLN A 469 16.74 -5.78 -8.51
C GLN A 469 18.13 -5.16 -8.68
N PHE A 470 18.73 -4.69 -7.59
CA PHE A 470 20.10 -4.09 -7.58
C PHE A 470 21.15 -5.19 -7.78
N SER A 471 21.02 -6.29 -7.03
CA SER A 471 21.94 -7.46 -7.03
C SER A 471 22.23 -7.90 -8.46
N ILE A 472 21.19 -8.34 -9.18
CA ILE A 472 21.29 -8.90 -10.57
C ILE A 472 21.79 -7.81 -11.52
N THR A 473 21.28 -6.58 -11.39
CA THR A 473 21.62 -5.43 -12.26
C THR A 473 23.12 -5.11 -12.15
N ILE A 474 23.63 -4.94 -10.93
CA ILE A 474 25.04 -4.53 -10.65
C ILE A 474 25.97 -5.66 -11.10
N VAL A 475 25.65 -6.92 -10.76
CA VAL A 475 26.49 -8.12 -11.06
C VAL A 475 26.52 -8.34 -12.58
N SER A 476 25.39 -8.13 -13.27
CA SER A 476 25.24 -8.28 -14.74
C SER A 476 26.16 -7.27 -15.46
N ALA A 477 26.01 -5.98 -15.15
CA ALA A 477 26.77 -4.86 -15.74
C ALA A 477 28.26 -5.05 -15.45
N MET A 478 28.59 -5.41 -14.22
CA MET A 478 29.97 -5.67 -13.73
C MET A 478 30.60 -6.80 -14.55
N ALA A 479 29.88 -7.92 -14.71
CA ALA A 479 30.33 -9.12 -15.45
C ALA A 479 30.61 -8.76 -16.92
N LEU A 480 29.74 -7.96 -17.54
CA LEU A 480 29.89 -7.48 -18.94
C LEU A 480 31.11 -6.54 -19.04
N SER A 481 31.27 -5.66 -18.05
CA SER A 481 32.38 -4.66 -17.98
C SER A 481 33.73 -5.37 -18.06
N VAL A 482 33.89 -6.48 -17.33
CA VAL A 482 35.15 -7.30 -17.29
C VAL A 482 35.33 -7.99 -18.65
N LEU A 483 34.24 -8.45 -19.26
CA LEU A 483 34.25 -9.11 -20.60
C LEU A 483 34.71 -8.09 -21.65
N VAL A 484 34.13 -6.88 -21.63
CA VAL A 484 34.46 -5.75 -22.56
C VAL A 484 35.91 -5.32 -22.31
N ALA A 485 36.39 -5.41 -21.06
CA ALA A 485 37.73 -4.98 -20.63
C ALA A 485 38.81 -5.98 -21.09
N LEU A 486 38.40 -7.21 -21.44
CA LEU A 486 39.31 -8.31 -21.89
C LEU A 486 39.20 -8.51 -23.40
N ILE A 487 38.33 -7.75 -24.09
CA ILE A 487 38.02 -7.93 -25.54
C ILE A 487 38.23 -6.61 -26.29
N LEU A 488 37.42 -5.58 -25.97
CA LEU A 488 37.34 -4.32 -26.77
C LEU A 488 38.42 -3.33 -26.33
N THR A 489 38.48 -2.97 -25.04
CA THR A 489 39.38 -1.91 -24.50
C THR A 489 40.84 -2.25 -24.80
N PRO A 490 41.28 -3.53 -24.76
CA PRO A 490 42.63 -3.90 -25.20
C PRO A 490 42.84 -3.62 -26.69
N ALA A 491 41.90 -4.04 -27.53
CA ALA A 491 41.93 -3.87 -29.01
C ALA A 491 41.97 -2.38 -29.35
N LEU A 492 41.08 -1.58 -28.75
CA LEU A 492 40.98 -0.11 -28.94
C LEU A 492 42.29 0.56 -28.50
N CYS A 493 42.87 0.12 -27.37
CA CYS A 493 44.14 0.65 -26.80
C CYS A 493 45.29 0.45 -27.79
N ALA A 494 45.37 -0.75 -28.40
CA ALA A 494 46.48 -1.18 -29.29
C ALA A 494 46.45 -0.38 -30.61
N THR A 495 45.27 0.07 -31.05
CA THR A 495 45.04 0.64 -32.41
C THR A 495 44.90 2.17 -32.36
N MET A 496 44.22 2.72 -31.34
CA MET A 496 43.83 4.16 -31.28
C MET A 496 44.94 5.00 -30.61
N LEU A 497 45.51 4.52 -29.49
CA LEU A 497 46.52 5.28 -28.70
C LEU A 497 47.79 5.49 -29.54
N LYS A 498 48.28 6.74 -29.58
CA LYS A 498 49.58 7.10 -30.22
C LYS A 498 50.71 6.86 -29.22
N PRO A 499 51.95 6.57 -29.67
CA PRO A 499 53.05 6.28 -28.76
C PRO A 499 53.44 7.49 -27.89
N ILE A 500 54.11 7.24 -26.76
CA ILE A 500 54.69 8.27 -25.86
C ILE A 500 56.19 7.99 -25.71
N ALA A 501 57.01 9.05 -25.69
CA ALA A 501 58.48 8.99 -25.49
C ALA A 501 58.78 8.51 -24.06
N LYS A 502 59.82 7.68 -23.90
CA LYS A 502 60.24 7.11 -22.59
C LYS A 502 60.65 8.25 -21.66
N GLY A 503 60.02 8.33 -20.48
CA GLY A 503 60.32 9.35 -19.44
C GLY A 503 59.54 10.64 -19.64
N ASP A 504 58.67 10.69 -20.66
CA ASP A 504 57.84 11.88 -20.99
C ASP A 504 56.52 11.79 -20.19
N HIS A 505 56.35 12.70 -19.22
CA HIS A 505 55.15 12.80 -18.35
C HIS A 505 54.42 14.12 -18.62
N GLY A 506 54.65 14.71 -19.80
CA GLY A 506 53.96 15.93 -20.28
C GLY A 506 54.36 17.18 -19.53
N GLU A 507 55.51 17.16 -18.86
CA GLU A 507 56.04 18.32 -18.09
C GLU A 507 56.88 19.21 -19.03
N GLY A 508 57.14 18.72 -20.25
CA GLY A 508 57.74 19.50 -21.36
C GLY A 508 56.70 20.33 -22.10
N LYS A 509 55.40 20.09 -21.86
CA LYS A 509 54.28 20.87 -22.45
C LYS A 509 54.23 22.25 -21.78
N LYS A 510 53.47 23.18 -22.37
CA LYS A 510 53.33 24.58 -21.91
C LYS A 510 51.85 24.92 -21.66
N GLY A 511 51.58 26.06 -21.03
CA GLY A 511 50.23 26.52 -20.68
C GLY A 511 49.73 25.85 -19.41
N PHE A 512 48.43 25.54 -19.37
CA PHE A 512 47.73 24.92 -18.21
C PHE A 512 48.20 23.46 -18.02
N PHE A 513 48.19 22.68 -19.11
CA PHE A 513 48.56 21.24 -19.11
C PHE A 513 49.99 21.06 -18.61
N GLY A 514 50.91 21.93 -19.06
CA GLY A 514 52.31 21.97 -18.61
C GLY A 514 52.41 22.13 -17.09
N TRP A 515 51.60 23.03 -16.52
CA TRP A 515 51.54 23.33 -15.06
C TRP A 515 51.04 22.09 -14.31
N PHE A 516 49.95 21.48 -14.78
CA PHE A 516 49.25 20.34 -14.14
C PHE A 516 50.19 19.12 -14.08
N ASN A 517 50.91 18.85 -15.16
CA ASN A 517 51.84 17.70 -15.31
C ASN A 517 53.01 17.86 -14.33
N ARG A 518 53.55 19.08 -14.22
CA ARG A 518 54.62 19.45 -13.24
C ARG A 518 54.05 19.37 -11.82
N MET A 519 52.81 19.85 -11.61
CA MET A 519 52.11 19.89 -10.30
C MET A 519 51.87 18.47 -9.80
N PHE A 520 51.33 17.58 -10.64
CA PHE A 520 50.90 16.21 -10.27
C PHE A 520 52.13 15.32 -10.03
N GLU A 521 53.20 15.51 -10.82
CA GLU A 521 54.48 14.77 -10.67
C GLU A 521 55.05 15.05 -9.27
N LYS A 522 55.07 16.33 -8.86
CA LYS A 522 55.49 16.77 -7.51
C LYS A 522 54.58 16.12 -6.46
N SER A 523 53.26 16.20 -6.66
CA SER A 523 52.21 15.63 -5.76
C SER A 523 52.43 14.12 -5.59
N THR A 524 52.75 13.41 -6.68
CA THR A 524 52.99 11.95 -6.71
C THR A 524 54.23 11.61 -5.87
N HIS A 525 55.32 12.38 -6.05
CA HIS A 525 56.58 12.27 -5.26
C HIS A 525 56.29 12.49 -3.77
N HIS A 526 55.53 13.54 -3.44
CA HIS A 526 55.14 13.90 -2.05
C HIS A 526 54.33 12.76 -1.41
N TYR A 527 53.45 12.13 -2.20
CA TYR A 527 52.57 11.01 -1.77
C TYR A 527 53.44 9.79 -1.38
N THR A 528 54.34 9.37 -2.27
CA THR A 528 55.27 8.22 -2.05
C THR A 528 56.16 8.49 -0.83
N ASP A 529 56.63 9.74 -0.67
CA ASP A 529 57.44 10.20 0.48
C ASP A 529 56.60 10.08 1.77
N SER A 530 55.35 10.52 1.71
CA SER A 530 54.39 10.51 2.85
C SER A 530 54.09 9.06 3.27
N VAL A 531 53.85 8.17 2.30
CA VAL A 531 53.60 6.72 2.52
C VAL A 531 54.88 6.09 3.10
N GLY A 532 56.02 6.33 2.45
CA GLY A 532 57.36 5.87 2.91
C GLY A 532 57.57 6.14 4.39
N GLY A 533 57.21 7.34 4.84
CA GLY A 533 57.27 7.76 6.26
C GLY A 533 56.27 7.01 7.11
N ILE A 534 55.04 6.84 6.62
CA ILE A 534 53.92 6.14 7.32
C ILE A 534 54.31 4.67 7.56
N LEU A 535 54.99 4.04 6.59
CA LEU A 535 55.37 2.60 6.64
C LEU A 535 56.47 2.36 7.69
N ARG A 536 57.22 3.40 8.09
CA ARG A 536 58.34 3.30 9.06
C ARG A 536 57.81 3.34 10.50
N SER A 537 56.52 3.65 10.69
CA SER A 537 55.84 3.62 12.02
C SER A 537 54.36 3.26 11.84
N THR A 538 54.09 2.01 11.45
CA THR A 538 52.74 1.47 11.13
C THR A 538 51.86 1.43 12.40
N GLY A 539 52.47 1.09 13.55
CA GLY A 539 51.79 0.91 14.84
C GLY A 539 50.79 2.02 15.14
N ARG A 540 51.19 3.28 14.94
CA ARG A 540 50.37 4.49 15.23
C ARG A 540 49.08 4.47 14.40
N TYR A 541 49.18 4.11 13.11
CA TYR A 541 48.08 4.21 12.12
C TYR A 541 47.08 3.07 12.31
N LEU A 542 47.50 1.95 12.91
CA LEU A 542 46.59 0.82 13.29
C LEU A 542 45.64 1.28 14.40
N VAL A 543 46.09 2.18 15.27
CA VAL A 543 45.28 2.76 16.39
C VAL A 543 44.29 3.77 15.79
N LEU A 544 44.72 4.54 14.78
CA LEU A 544 43.88 5.48 14.00
C LEU A 544 42.81 4.69 13.24
N TYR A 545 43.16 3.51 12.73
CA TYR A 545 42.24 2.59 12.00
C TYR A 545 41.14 2.10 12.94
N LEU A 546 41.52 1.71 14.17
CA LEU A 546 40.57 1.24 15.22
C LEU A 546 39.58 2.35 15.57
N ILE A 547 40.05 3.59 15.68
CA ILE A 547 39.23 4.80 15.99
C ILE A 547 38.15 4.98 14.92
N ILE A 548 38.46 4.66 13.66
CA ILE A 548 37.51 4.76 12.51
C ILE A 548 36.46 3.65 12.61
N VAL A 549 36.87 2.42 12.98
CA VAL A 549 35.96 1.25 13.16
C VAL A 549 34.97 1.56 14.29
N VAL A 550 35.47 2.11 15.41
CA VAL A 550 34.67 2.50 16.60
C VAL A 550 33.75 3.67 16.21
N GLY A 551 34.32 4.70 15.57
CA GLY A 551 33.59 5.88 15.06
C GLY A 551 32.49 5.49 14.08
N MET A 552 32.81 4.60 13.13
CA MET A 552 31.85 4.02 12.14
C MET A 552 30.70 3.35 12.90
N ALA A 553 31.03 2.39 13.76
CA ALA A 553 30.09 1.56 14.55
C ALA A 553 29.11 2.47 15.32
N TYR A 554 29.60 3.59 15.86
CA TYR A 554 28.79 4.57 16.63
C TYR A 554 27.79 5.27 15.70
N LEU A 555 28.26 5.78 14.55
CA LEU A 555 27.43 6.51 13.56
C LEU A 555 26.37 5.57 12.97
N PHE A 556 26.69 4.28 12.81
CA PHE A 556 25.83 3.24 12.20
C PHE A 556 24.59 3.01 13.08
N VAL A 557 24.79 2.92 14.39
CA VAL A 557 23.71 2.68 15.41
C VAL A 557 22.86 3.95 15.54
N ARG A 558 23.50 5.13 15.52
CA ARG A 558 22.85 6.46 15.69
C ARG A 558 21.92 6.74 14.49
N LEU A 559 22.32 6.34 13.28
CA LEU A 559 21.61 6.62 12.00
C LEU A 559 20.31 5.83 11.94
N PRO A 560 19.13 6.48 11.88
CA PRO A 560 17.85 5.78 11.71
C PRO A 560 17.74 5.12 10.34
N SER A 561 17.02 4.00 10.24
CA SER A 561 16.77 3.23 8.99
C SER A 561 15.33 3.47 8.52
N SER A 562 15.16 3.75 7.21
CA SER A 562 13.86 3.93 6.51
C SER A 562 13.70 2.85 5.45
N ALA A 563 12.48 2.66 4.93
CA ALA A 563 12.17 1.72 3.83
C ALA A 563 12.69 2.31 2.52
N LEU A 564 12.00 3.33 2.01
CA LEU A 564 12.38 4.12 0.80
C LEU A 564 11.92 5.55 1.00
N PRO A 565 12.63 6.56 0.44
CA PRO A 565 12.27 7.96 0.66
C PRO A 565 10.96 8.35 -0.04
N ASP A 566 10.17 9.23 0.58
CA ASP A 566 8.94 9.82 0.01
C ASP A 566 9.32 10.65 -1.22
N GLU A 567 8.41 10.72 -2.20
CA GLU A 567 8.61 11.43 -3.49
C GLU A 567 7.37 12.29 -3.77
N ASP A 568 7.57 13.47 -4.37
CA ASP A 568 6.50 14.28 -5.01
C ASP A 568 6.15 13.60 -6.34
N GLN A 569 5.00 12.92 -6.41
CA GLN A 569 4.57 12.12 -7.59
C GLN A 569 3.46 12.87 -8.35
N GLY A 570 3.17 14.12 -7.98
CA GLY A 570 2.16 14.97 -8.62
C GLY A 570 0.75 14.64 -8.14
N VAL A 571 0.64 13.90 -7.03
CA VAL A 571 -0.65 13.46 -6.42
C VAL A 571 -0.46 13.28 -4.91
N PHE A 572 -1.54 13.44 -4.14
CA PHE A 572 -1.62 13.10 -2.70
C PHE A 572 -3.09 12.88 -2.33
N MET A 573 -3.33 12.37 -1.12
CA MET A 573 -4.67 11.95 -0.63
C MET A 573 -5.10 12.86 0.54
N THR A 574 -6.40 13.18 0.59
CA THR A 574 -7.08 13.81 1.76
C THR A 574 -8.23 12.89 2.18
N MET A 575 -8.12 12.29 3.37
CA MET A 575 -9.16 11.38 3.94
C MET A 575 -10.11 12.21 4.82
N VAL A 576 -11.41 11.91 4.74
CA VAL A 576 -12.50 12.58 5.53
C VAL A 576 -13.18 11.52 6.39
N GLN A 577 -13.39 11.82 7.68
CA GLN A 577 -14.01 10.91 8.68
C GLN A 577 -14.94 11.72 9.59
N LEU A 578 -16.24 11.72 9.28
CA LEU A 578 -17.29 12.33 10.14
C LEU A 578 -17.63 11.36 11.27
N PRO A 579 -18.24 11.83 12.38
CA PRO A 579 -18.54 10.96 13.52
C PRO A 579 -19.59 9.89 13.20
N ALA A 580 -19.93 9.06 14.20
CA ALA A 580 -20.84 7.90 14.07
C ALA A 580 -22.25 8.39 13.72
N GLY A 581 -22.87 7.78 12.70
CA GLY A 581 -24.26 8.07 12.28
C GLY A 581 -24.34 9.20 11.29
N ALA A 582 -23.19 9.82 10.94
CA ALA A 582 -23.09 10.95 9.99
C ALA A 582 -23.56 10.49 8.61
N THR A 583 -24.23 11.39 7.87
CA THR A 583 -24.98 11.08 6.63
C THR A 583 -24.15 11.47 5.40
N GLN A 584 -24.54 10.95 4.23
CA GLN A 584 -23.92 11.23 2.92
C GLN A 584 -23.84 12.75 2.70
N GLU A 585 -24.95 13.45 2.96
CA GLU A 585 -25.11 14.91 2.73
C GLU A 585 -24.08 15.70 3.55
N ARG A 586 -23.92 15.36 4.84
CA ARG A 586 -22.97 16.01 5.77
C ARG A 586 -21.53 15.82 5.27
N THR A 587 -21.19 14.59 4.84
CA THR A 587 -19.84 14.21 4.33
C THR A 587 -19.55 14.98 3.03
N GLN A 588 -20.58 15.23 2.22
CA GLN A 588 -20.47 15.95 0.91
C GLN A 588 -20.16 17.43 1.16
N LYS A 589 -20.70 18.01 2.25
CA LYS A 589 -20.43 19.43 2.66
C LYS A 589 -18.94 19.58 2.99
N VAL A 590 -18.36 18.59 3.68
CA VAL A 590 -16.94 18.62 4.15
C VAL A 590 -16.00 18.42 2.94
N LEU A 591 -16.35 17.51 2.02
CA LEU A 591 -15.57 17.25 0.78
C LEU A 591 -15.61 18.50 -0.12
N ASN A 592 -16.73 19.24 -0.10
CA ASN A 592 -16.92 20.49 -0.88
C ASN A 592 -16.01 21.59 -0.32
N GLU A 593 -15.92 21.69 1.01
CA GLU A 593 -14.98 22.61 1.73
C GLU A 593 -13.54 22.26 1.35
N VAL A 594 -13.20 20.96 1.36
CA VAL A 594 -11.85 20.43 1.03
C VAL A 594 -11.54 20.71 -0.44
N THR A 595 -12.50 20.44 -1.34
CA THR A 595 -12.38 20.69 -2.80
C THR A 595 -12.14 22.19 -3.05
N HIS A 596 -12.98 23.04 -2.45
CA HIS A 596 -12.95 24.52 -2.61
C HIS A 596 -11.59 25.08 -2.17
N TYR A 597 -11.07 24.62 -1.03
CA TYR A 597 -9.75 25.03 -0.45
C TYR A 597 -8.65 24.83 -1.49
N TYR A 598 -8.57 23.63 -2.07
CA TYR A 598 -7.50 23.21 -3.02
C TYR A 598 -7.59 24.03 -4.33
N LEU A 599 -8.80 24.35 -4.79
CA LEU A 599 -9.05 25.11 -6.04
C LEU A 599 -9.02 26.62 -5.76
N THR A 600 -8.67 27.03 -4.53
CA THR A 600 -8.69 28.44 -4.06
C THR A 600 -7.31 28.81 -3.49
N LYS A 601 -6.96 28.25 -2.33
CA LYS A 601 -5.74 28.58 -1.54
C LYS A 601 -4.51 27.88 -2.13
N GLU A 602 -4.72 26.87 -2.98
CA GLU A 602 -3.65 26.11 -3.69
C GLU A 602 -3.93 26.11 -5.19
N LYS A 603 -4.49 27.21 -5.70
CA LYS A 603 -4.92 27.37 -7.12
C LYS A 603 -3.73 27.21 -8.06
N ASN A 604 -2.54 27.65 -7.64
CA ASN A 604 -1.29 27.65 -8.45
C ASN A 604 -0.71 26.23 -8.54
N ASN A 605 -0.96 25.38 -7.54
CA ASN A 605 -0.33 24.04 -7.39
C ASN A 605 -1.28 22.93 -7.83
N VAL A 606 -2.57 23.04 -7.53
CA VAL A 606 -3.58 21.95 -7.74
C VAL A 606 -4.24 22.12 -9.11
N GLU A 607 -4.37 21.01 -9.85
CA GLU A 607 -5.01 20.94 -11.19
C GLU A 607 -6.48 20.52 -11.03
N SER A 608 -6.75 19.50 -10.19
CA SER A 608 -8.11 18.96 -9.96
C SER A 608 -8.18 18.23 -8.61
N VAL A 609 -9.40 18.06 -8.09
CA VAL A 609 -9.73 17.26 -6.86
C VAL A 609 -10.83 16.27 -7.23
N PHE A 610 -10.54 14.97 -7.09
CA PHE A 610 -11.51 13.86 -7.32
C PHE A 610 -12.07 13.41 -5.97
N ALA A 611 -13.18 14.02 -5.55
CA ALA A 611 -13.85 13.76 -4.25
C ALA A 611 -14.68 12.48 -4.35
N VAL A 612 -14.48 11.54 -3.42
CA VAL A 612 -15.20 10.24 -3.35
C VAL A 612 -15.90 10.16 -1.99
N ASN A 613 -17.23 10.21 -2.00
CA ASN A 613 -18.11 10.12 -0.79
C ASN A 613 -18.47 8.64 -0.56
N GLY A 614 -18.11 8.10 0.60
CA GLY A 614 -18.55 6.77 1.06
C GLY A 614 -17.46 5.71 0.99
N PHE A 615 -16.19 6.11 0.87
CA PHE A 615 -15.01 5.21 0.90
C PHE A 615 -13.86 5.87 1.66
N GLY A 616 -13.33 5.16 2.66
CA GLY A 616 -12.10 5.51 3.41
C GLY A 616 -11.21 4.29 3.60
N PHE A 617 -9.97 4.49 4.07
CA PHE A 617 -8.96 3.42 4.26
C PHE A 617 -9.20 2.71 5.60
N ALA A 618 -9.79 3.41 6.58
CA ALA A 618 -10.20 2.86 7.90
C ALA A 618 -11.44 1.96 7.73
N GLY A 619 -12.21 2.19 6.67
CA GLY A 619 -13.50 1.53 6.40
C GLY A 619 -14.36 2.41 5.51
N ARG A 620 -15.55 1.95 5.13
CA ARG A 620 -16.46 2.68 4.19
C ARG A 620 -17.84 2.84 4.82
N GLY A 621 -18.69 3.66 4.19
CA GLY A 621 -20.00 4.08 4.71
C GLY A 621 -20.19 5.59 4.54
N GLN A 622 -21.37 6.10 4.91
CA GLN A 622 -21.80 7.50 4.65
C GLN A 622 -20.91 8.51 5.41
N ASN A 623 -20.23 8.08 6.47
CA ASN A 623 -19.44 8.98 7.37
C ASN A 623 -17.95 8.99 6.97
N THR A 624 -17.61 8.46 5.79
CA THR A 624 -16.23 8.37 5.27
C THR A 624 -16.16 8.96 3.86
N GLY A 625 -15.00 9.54 3.50
CA GLY A 625 -14.74 10.15 2.19
C GLY A 625 -13.25 10.24 1.90
N ILE A 626 -12.90 10.51 0.64
CA ILE A 626 -11.49 10.60 0.15
C ILE A 626 -11.45 11.59 -1.03
N ALA A 627 -10.33 12.30 -1.19
CA ALA A 627 -10.06 13.25 -2.29
C ALA A 627 -8.68 12.98 -2.89
N PHE A 628 -8.64 12.52 -4.15
CA PHE A 628 -7.41 12.45 -4.99
C PHE A 628 -7.08 13.86 -5.47
N VAL A 629 -6.07 14.52 -4.90
CA VAL A 629 -5.60 15.86 -5.33
C VAL A 629 -4.56 15.67 -6.43
N SER A 630 -4.90 16.04 -7.67
CA SER A 630 -4.01 16.02 -8.85
C SER A 630 -3.30 17.38 -8.97
N LEU A 631 -1.98 17.40 -8.77
CA LEU A 631 -1.16 18.64 -8.84
C LEU A 631 -0.81 18.96 -10.29
N LYS A 632 -0.52 20.23 -10.58
CA LYS A 632 0.04 20.71 -11.87
C LYS A 632 1.47 20.17 -11.99
N ASP A 633 2.05 20.21 -13.20
CA ASP A 633 3.38 19.65 -13.50
C ASP A 633 4.44 20.33 -12.63
N TRP A 634 5.50 19.59 -12.26
CA TRP A 634 6.62 20.03 -11.39
C TRP A 634 7.23 21.33 -11.92
N ALA A 635 7.25 21.48 -13.25
CA ALA A 635 7.78 22.67 -13.98
C ALA A 635 7.01 23.94 -13.59
N ASP A 636 5.77 23.81 -13.12
CA ASP A 636 4.90 24.95 -12.71
C ASP A 636 4.76 25.00 -11.17
N ARG A 637 5.64 24.30 -10.44
CA ARG A 637 5.61 24.24 -8.95
C ARG A 637 7.04 24.39 -8.41
N PRO A 638 7.70 25.54 -8.65
CA PRO A 638 9.07 25.76 -8.18
C PRO A 638 9.13 26.09 -6.68
N GLY A 639 10.19 25.63 -6.00
CA GLY A 639 10.42 25.86 -4.56
C GLY A 639 9.86 24.73 -3.71
N GLU A 640 10.43 24.52 -2.51
CA GLU A 640 10.02 23.47 -1.53
C GLU A 640 8.62 23.79 -1.00
N GLU A 641 8.27 25.08 -0.93
CA GLU A 641 6.94 25.59 -0.49
C GLU A 641 5.82 25.03 -1.37
N ASN A 642 6.08 24.77 -2.66
CA ASN A 642 5.09 24.30 -3.65
C ASN A 642 5.26 22.79 -3.92
N LYS A 643 5.85 22.04 -2.97
CA LYS A 643 6.02 20.56 -3.06
C LYS A 643 4.94 19.88 -2.22
N VAL A 644 4.73 18.58 -2.45
CA VAL A 644 3.62 17.77 -1.85
C VAL A 644 3.69 17.85 -0.33
N GLU A 645 4.88 17.72 0.26
CA GLU A 645 5.08 17.68 1.74
C GLU A 645 4.66 19.02 2.35
N ALA A 646 4.88 20.13 1.64
CA ALA A 646 4.56 21.51 2.09
C ALA A 646 3.04 21.75 1.95
N ILE A 647 2.45 21.36 0.83
CA ILE A 647 0.98 21.52 0.54
C ILE A 647 0.21 20.65 1.54
N THR A 648 0.70 19.43 1.77
CA THR A 648 0.19 18.45 2.77
C THR A 648 0.00 19.12 4.13
N MET A 649 1.09 19.67 4.69
CA MET A 649 1.12 20.28 6.05
C MET A 649 0.24 21.54 6.09
N ARG A 650 0.27 22.34 5.02
CA ARG A 650 -0.57 23.57 4.86
C ARG A 650 -2.06 23.19 4.93
N ALA A 651 -2.45 22.09 4.27
CA ALA A 651 -3.84 21.59 4.17
C ALA A 651 -4.29 21.02 5.51
N THR A 652 -3.49 20.12 6.11
CA THR A 652 -3.78 19.44 7.40
C THR A 652 -3.99 20.48 8.50
N ARG A 653 -3.24 21.59 8.45
CA ARG A 653 -3.34 22.72 9.41
C ARG A 653 -4.59 23.55 9.09
N ALA A 654 -4.88 23.77 7.80
CA ALA A 654 -6.07 24.50 7.30
C ALA A 654 -7.35 23.76 7.70
N PHE A 655 -7.27 22.44 7.90
CA PHE A 655 -8.40 21.58 8.35
C PHE A 655 -8.27 21.32 9.85
N SER A 656 -8.25 22.40 10.64
CA SER A 656 -8.23 22.40 12.13
C SER A 656 -9.54 22.98 12.67
N GLN A 657 -9.99 24.10 12.10
CA GLN A 657 -11.27 24.77 12.47
C GLN A 657 -12.45 24.13 11.71
N ILE A 658 -12.30 22.87 11.27
CA ILE A 658 -13.32 22.13 10.49
C ILE A 658 -14.47 21.74 11.42
N LYS A 659 -15.69 21.77 10.88
CA LYS A 659 -16.96 21.61 11.63
C LYS A 659 -17.13 20.14 12.05
N ASP A 660 -16.58 19.79 13.22
CA ASP A 660 -16.51 18.43 13.81
C ASP A 660 -16.45 17.36 12.70
N ALA A 661 -15.28 17.20 12.10
CA ALA A 661 -14.94 16.16 11.11
C ALA A 661 -13.41 16.03 11.02
N MET A 662 -12.88 14.81 11.15
CA MET A 662 -11.42 14.53 11.09
C MET A 662 -10.97 14.52 9.62
N VAL A 663 -10.16 15.51 9.23
CA VAL A 663 -9.68 15.71 7.83
C VAL A 663 -8.15 15.88 7.85
N PHE A 664 -7.41 14.88 7.34
CA PHE A 664 -5.93 14.86 7.25
C PHE A 664 -5.50 14.71 5.79
N ALA A 665 -4.53 15.53 5.35
CA ALA A 665 -3.82 15.38 4.07
C ALA A 665 -2.51 14.64 4.32
N PHE A 666 -2.11 13.72 3.42
CA PHE A 666 -0.86 12.94 3.53
C PHE A 666 -0.34 12.58 2.13
N ASN A 667 0.98 12.52 1.99
CA ASN A 667 1.70 12.12 0.75
C ASN A 667 1.62 10.60 0.60
N LEU A 668 1.71 10.10 -0.64
CA LEU A 668 1.78 8.65 -0.96
C LEU A 668 3.15 8.12 -0.54
N PRO A 669 3.28 6.82 -0.20
CA PRO A 669 4.59 6.21 0.03
C PRO A 669 5.27 5.92 -1.31
N ALA A 670 6.60 5.75 -1.30
CA ALA A 670 7.41 5.45 -2.50
C ALA A 670 6.73 4.36 -3.33
N ILE A 671 6.49 3.20 -2.72
CA ILE A 671 5.77 2.04 -3.31
C ILE A 671 4.37 1.99 -2.68
N VAL A 672 3.34 2.42 -3.45
CA VAL A 672 1.93 2.57 -2.97
C VAL A 672 1.33 1.19 -2.68
N GLU A 673 1.67 0.18 -3.50
CA GLU A 673 1.18 -1.22 -3.39
C GLU A 673 1.67 -1.88 -2.08
N LEU A 674 2.49 -1.17 -1.28
CA LEU A 674 3.06 -1.68 0.00
C LEU A 674 2.40 -0.99 1.19
N GLY A 675 2.16 0.32 1.11
CA GLY A 675 1.38 1.09 2.11
C GLY A 675 2.23 1.50 3.31
N THR A 676 2.36 2.81 3.54
CA THR A 676 3.02 3.44 4.72
C THR A 676 4.47 2.97 4.84
N ALA A 677 4.70 1.75 5.34
CA ALA A 677 6.03 1.11 5.58
C ALA A 677 6.63 1.58 6.91
N THR A 678 6.39 2.85 7.30
CA THR A 678 6.79 3.40 8.61
C THR A 678 5.86 2.83 9.70
N GLY A 679 6.40 2.59 10.90
CA GLY A 679 5.65 2.07 12.07
C GLY A 679 5.44 0.56 11.99
N PHE A 680 4.48 0.04 12.76
CA PHE A 680 4.17 -1.41 12.88
C PHE A 680 2.68 -1.64 12.56
N ASP A 681 2.31 -2.93 12.43
CA ASP A 681 0.94 -3.38 12.08
C ASP A 681 0.57 -4.57 12.97
N PHE A 682 -0.20 -4.32 14.03
CA PHE A 682 -0.57 -5.29 15.09
C PHE A 682 -2.00 -5.80 14.85
N GLU A 683 -2.24 -7.08 15.11
CA GLU A 683 -3.58 -7.73 15.05
C GLU A 683 -3.92 -8.29 16.43
N LEU A 684 -4.96 -7.77 17.07
CA LEU A 684 -5.56 -8.31 18.32
C LEU A 684 -6.66 -9.31 17.94
N ILE A 685 -6.58 -10.55 18.43
CA ILE A 685 -7.42 -11.69 17.95
C ILE A 685 -8.20 -12.28 19.14
N ASP A 686 -9.49 -12.54 18.94
CA ASP A 686 -10.38 -13.28 19.88
C ASP A 686 -10.23 -14.78 19.57
N GLN A 687 -9.68 -15.54 20.53
CA GLN A 687 -9.28 -16.96 20.34
C GLN A 687 -9.97 -17.86 21.37
N ALA A 688 -11.14 -17.45 21.89
CA ALA A 688 -11.93 -18.21 22.88
C ALA A 688 -13.42 -17.88 22.79
N GLY A 689 -13.90 -17.46 21.61
CA GLY A 689 -15.31 -17.07 21.37
C GLY A 689 -15.82 -16.06 22.39
N LEU A 690 -14.99 -15.08 22.76
CA LEU A 690 -15.31 -14.02 23.76
C LEU A 690 -16.42 -13.12 23.24
N GLY A 691 -16.35 -12.72 21.96
CA GLY A 691 -17.30 -11.81 21.31
C GLY A 691 -16.68 -10.45 20.99
N HIS A 692 -17.33 -9.69 20.12
CA HIS A 692 -16.85 -8.40 19.56
C HIS A 692 -16.76 -7.33 20.66
N GLU A 693 -17.74 -7.29 21.58
CA GLU A 693 -17.84 -6.29 22.67
C GLU A 693 -16.67 -6.46 23.64
N LYS A 694 -16.27 -7.70 23.92
CA LYS A 694 -15.16 -8.04 24.86
C LYS A 694 -13.80 -7.85 24.18
N LEU A 695 -13.73 -8.00 22.85
CA LEU A 695 -12.49 -7.76 22.05
C LEU A 695 -12.18 -6.25 22.07
N THR A 696 -13.22 -5.41 21.99
CA THR A 696 -13.12 -3.93 22.07
C THR A 696 -12.55 -3.52 23.43
N GLN A 697 -13.11 -4.07 24.52
CA GLN A 697 -12.65 -3.84 25.92
C GLN A 697 -11.15 -4.12 26.02
N ALA A 698 -10.72 -5.29 25.52
CA ALA A 698 -9.31 -5.74 25.49
C ALA A 698 -8.48 -4.77 24.63
N ARG A 699 -9.02 -4.34 23.49
CA ARG A 699 -8.36 -3.35 22.59
C ARG A 699 -8.16 -2.04 23.34
N ASN A 700 -9.22 -1.54 23.97
CA ASN A 700 -9.21 -0.27 24.75
C ASN A 700 -8.20 -0.39 25.90
N GLN A 701 -8.13 -1.54 26.56
CA GLN A 701 -7.18 -1.84 27.67
C GLN A 701 -5.74 -1.76 27.16
N LEU A 702 -5.48 -2.24 25.94
CA LEU A 702 -4.12 -2.25 25.33
C LEU A 702 -3.73 -0.83 24.91
N LEU A 703 -4.66 -0.07 24.31
CA LEU A 703 -4.43 1.31 23.82
C LEU A 703 -4.15 2.27 24.99
N ALA A 704 -4.75 2.00 26.16
CA ALA A 704 -4.60 2.80 27.40
C ALA A 704 -3.21 2.57 28.00
N GLU A 705 -2.72 1.32 27.96
CA GLU A 705 -1.35 0.93 28.42
C GLU A 705 -0.31 1.47 27.44
N ALA A 706 -0.64 1.53 26.14
CA ALA A 706 0.23 2.06 25.07
C ALA A 706 0.44 3.57 25.24
N ALA A 707 -0.59 4.26 25.75
CA ALA A 707 -0.59 5.73 26.00
C ALA A 707 0.23 6.07 27.25
N LYS A 708 0.43 5.08 28.14
CA LYS A 708 1.24 5.19 29.39
C LYS A 708 2.74 5.16 29.05
N HIS A 709 3.11 4.80 27.81
CA HIS A 709 4.51 4.75 27.32
C HIS A 709 4.69 5.63 26.08
N PRO A 710 4.59 6.98 26.20
CA PRO A 710 4.87 7.87 25.06
C PRO A 710 6.37 7.90 24.74
N ASP A 711 7.21 7.52 25.72
CA ASP A 711 8.68 7.35 25.61
C ASP A 711 9.01 6.35 24.48
N MET A 712 8.27 5.24 24.39
CA MET A 712 8.55 4.11 23.47
C MET A 712 7.56 4.15 22.29
N LEU A 713 6.26 4.11 22.57
CA LEU A 713 5.17 3.99 21.55
C LEU A 713 4.57 5.38 21.27
N THR A 714 4.14 5.60 20.02
CA THR A 714 3.59 6.88 19.51
C THR A 714 2.46 6.59 18.53
N SER A 715 1.30 7.23 18.71
CA SER A 715 0.12 7.17 17.81
C SER A 715 -0.39 5.73 17.67
N VAL A 716 -0.44 4.98 18.77
CA VAL A 716 -1.01 3.60 18.81
C VAL A 716 -2.54 3.74 18.73
N ARG A 717 -3.11 3.42 17.56
CA ARG A 717 -4.54 3.69 17.22
C ARG A 717 -5.12 2.47 16.50
N PRO A 718 -6.46 2.27 16.55
CA PRO A 718 -7.11 1.21 15.78
C PRO A 718 -7.29 1.64 14.31
N ASN A 719 -7.10 0.71 13.37
CA ASN A 719 -7.25 0.94 11.92
C ASN A 719 -8.73 1.02 11.56
N GLY A 720 -9.59 0.30 12.29
CA GLY A 720 -11.02 0.12 11.96
C GLY A 720 -11.90 1.23 12.49
N LEU A 721 -13.23 1.05 12.35
CA LEU A 721 -14.29 2.00 12.78
C LEU A 721 -14.78 1.59 14.18
N GLU A 722 -15.37 2.55 14.91
CA GLU A 722 -15.99 2.32 16.25
C GLU A 722 -17.45 1.89 16.07
N ASP A 723 -18.01 1.23 17.09
CA ASP A 723 -19.42 0.77 17.10
C ASP A 723 -20.34 2.00 17.03
N THR A 724 -21.41 1.90 16.24
CA THR A 724 -22.37 3.01 15.96
C THR A 724 -23.77 2.59 16.41
N PRO A 725 -24.66 3.56 16.76
CA PRO A 725 -26.07 3.23 17.04
C PRO A 725 -26.73 2.49 15.87
N GLN A 726 -27.39 1.37 16.16
CA GLN A 726 -28.16 0.55 15.19
C GLN A 726 -29.62 0.48 15.64
N PHE A 727 -30.55 0.50 14.68
CA PHE A 727 -32.01 0.42 14.91
C PHE A 727 -32.42 -1.06 14.89
N LYS A 728 -32.47 -1.70 16.07
CA LYS A 728 -32.81 -3.14 16.23
C LYS A 728 -34.33 -3.30 16.29
N ILE A 729 -34.90 -4.02 15.32
CA ILE A 729 -36.36 -4.31 15.22
C ILE A 729 -36.59 -5.80 15.51
N ASP A 730 -37.46 -6.11 16.47
CA ASP A 730 -37.84 -7.49 16.87
C ASP A 730 -39.24 -7.79 16.32
N ILE A 731 -39.39 -8.92 15.62
CA ILE A 731 -40.71 -9.45 15.15
C ILE A 731 -41.27 -10.35 16.25
N ASP A 732 -42.52 -10.13 16.66
CA ASP A 732 -43.25 -11.01 17.61
C ASP A 732 -43.88 -12.16 16.81
N GLN A 733 -43.28 -13.35 16.87
CA GLN A 733 -43.68 -14.55 16.08
C GLN A 733 -45.14 -14.91 16.42
N GLU A 734 -45.52 -14.82 17.69
CA GLU A 734 -46.88 -15.15 18.19
C GLU A 734 -47.92 -14.26 17.53
N LYS A 735 -47.77 -12.94 17.67
CA LYS A 735 -48.72 -11.92 17.13
C LYS A 735 -48.81 -12.06 15.61
N ALA A 736 -47.70 -12.41 14.94
CA ALA A 736 -47.62 -12.63 13.49
C ALA A 736 -48.50 -13.82 13.09
N GLN A 737 -48.37 -14.93 13.82
CA GLN A 737 -49.15 -16.17 13.60
C GLN A 737 -50.62 -15.94 14.00
N ALA A 738 -50.85 -15.19 15.08
CA ALA A 738 -52.21 -14.84 15.59
C ALA A 738 -52.98 -14.07 14.51
N LEU A 739 -52.33 -13.12 13.84
CA LEU A 739 -52.95 -12.24 12.80
C LEU A 739 -52.95 -12.93 11.44
N GLY A 740 -52.25 -14.08 11.31
CA GLY A 740 -52.16 -14.85 10.07
C GLY A 740 -51.20 -14.22 9.08
N VAL A 741 -50.19 -13.49 9.56
CA VAL A 741 -49.15 -12.83 8.73
C VAL A 741 -47.94 -13.78 8.65
N SER A 742 -47.59 -14.21 7.43
CA SER A 742 -46.40 -15.04 7.14
C SER A 742 -45.13 -14.25 7.46
N ILE A 743 -44.20 -14.87 8.21
CA ILE A 743 -42.89 -14.24 8.60
C ILE A 743 -42.05 -13.99 7.33
N ASN A 744 -42.31 -14.73 6.24
CA ASN A 744 -41.61 -14.57 4.94
C ASN A 744 -42.07 -13.26 4.27
N ASP A 745 -43.38 -13.00 4.26
CA ASP A 745 -43.97 -11.74 3.73
C ASP A 745 -43.37 -10.55 4.51
N ILE A 746 -43.22 -10.69 5.83
CA ILE A 746 -42.69 -9.61 6.74
C ILE A 746 -41.26 -9.28 6.32
N ASN A 747 -40.35 -10.27 6.36
CA ASN A 747 -38.89 -10.09 6.14
C ASN A 747 -38.62 -9.66 4.69
N THR A 748 -39.44 -10.11 3.73
CA THR A 748 -39.34 -9.71 2.30
C THR A 748 -39.78 -8.25 2.15
N THR A 749 -40.86 -7.85 2.83
CA THR A 749 -41.41 -6.47 2.81
C THR A 749 -40.37 -5.52 3.42
N LEU A 750 -39.92 -5.79 4.64
CA LEU A 750 -38.88 -5.00 5.35
C LEU A 750 -37.61 -4.94 4.49
N GLY A 751 -37.14 -6.10 4.03
CA GLY A 751 -35.88 -6.26 3.28
C GLY A 751 -35.90 -5.48 1.98
N ALA A 752 -36.86 -5.79 1.10
CA ALA A 752 -37.03 -5.20 -0.24
C ALA A 752 -37.27 -3.69 -0.14
N ALA A 753 -38.06 -3.25 0.85
CA ALA A 753 -38.47 -1.83 1.00
C ALA A 753 -37.28 -0.99 1.48
N TRP A 754 -36.65 -1.38 2.59
CA TRP A 754 -35.60 -0.58 3.29
C TRP A 754 -34.20 -0.90 2.73
N GLY A 755 -33.92 -2.17 2.44
CA GLY A 755 -32.62 -2.63 1.93
C GLY A 755 -32.52 -2.54 0.41
N GLY A 756 -33.61 -2.85 -0.29
CA GLY A 756 -33.63 -3.02 -1.76
C GLY A 756 -33.41 -4.48 -2.13
N SER A 757 -33.97 -4.92 -3.25
CA SER A 757 -33.93 -6.32 -3.71
C SER A 757 -33.68 -6.38 -5.22
N TYR A 758 -32.71 -7.18 -5.65
CA TYR A 758 -32.39 -7.48 -7.07
C TYR A 758 -33.33 -8.61 -7.53
N VAL A 759 -34.33 -8.26 -8.34
CA VAL A 759 -35.44 -9.16 -8.76
C VAL A 759 -34.97 -10.04 -9.92
N ASN A 760 -34.72 -9.44 -11.09
CA ASN A 760 -34.23 -10.15 -12.30
C ASN A 760 -33.61 -9.13 -13.26
N ASP A 761 -33.25 -9.55 -14.47
CA ASP A 761 -32.55 -8.71 -15.48
C ASP A 761 -33.56 -8.20 -16.51
N PHE A 762 -33.20 -7.13 -17.23
CA PHE A 762 -33.96 -6.56 -18.37
C PHE A 762 -32.96 -6.15 -19.46
N ILE A 763 -33.43 -5.65 -20.60
CA ILE A 763 -32.56 -5.28 -21.77
C ILE A 763 -32.71 -3.77 -22.03
N ASP A 764 -31.70 -2.99 -21.64
CA ASP A 764 -31.62 -1.52 -21.85
C ASP A 764 -30.74 -1.26 -23.08
N ARG A 765 -31.36 -0.84 -24.20
CA ARG A 765 -30.66 -0.52 -25.48
C ARG A 765 -29.72 -1.67 -25.86
N GLY A 766 -30.20 -2.91 -25.79
CA GLY A 766 -29.52 -4.11 -26.30
C GLY A 766 -28.56 -4.74 -25.29
N ARG A 767 -28.42 -4.16 -24.10
CA ARG A 767 -27.48 -4.62 -23.04
C ARG A 767 -28.29 -5.10 -21.81
N VAL A 768 -27.97 -6.30 -21.31
CA VAL A 768 -28.62 -6.91 -20.11
C VAL A 768 -28.15 -6.15 -18.85
N LYS A 769 -29.10 -5.68 -18.05
CA LYS A 769 -28.86 -4.94 -16.78
C LYS A 769 -29.89 -5.39 -15.74
N LYS A 770 -29.71 -5.00 -14.48
CA LYS A 770 -30.50 -5.51 -13.32
C LYS A 770 -31.77 -4.67 -13.12
N VAL A 771 -32.80 -5.30 -12.55
CA VAL A 771 -34.04 -4.65 -12.06
C VAL A 771 -34.02 -4.71 -10.54
N TYR A 772 -34.12 -3.55 -9.86
CA TYR A 772 -34.18 -3.42 -8.39
C TYR A 772 -35.55 -2.88 -7.98
N VAL A 773 -36.14 -3.45 -6.93
CA VAL A 773 -37.30 -2.87 -6.19
C VAL A 773 -36.77 -2.34 -4.85
N MET A 774 -37.32 -1.21 -4.40
CA MET A 774 -36.95 -0.56 -3.12
C MET A 774 -38.01 0.51 -2.81
N SER A 775 -38.11 0.91 -1.54
CA SER A 775 -38.96 2.05 -1.10
C SER A 775 -38.39 3.34 -1.69
N GLU A 776 -39.27 4.23 -2.16
CA GLU A 776 -38.90 5.64 -2.47
C GLU A 776 -38.30 6.22 -1.19
N ALA A 777 -37.27 7.06 -1.32
CA ALA A 777 -36.47 7.62 -0.21
C ALA A 777 -37.36 7.97 0.99
N LYS A 778 -38.40 8.77 0.77
CA LYS A 778 -39.18 9.50 1.82
C LYS A 778 -39.98 8.54 2.72
N TYR A 779 -40.07 7.25 2.36
CA TYR A 779 -40.84 6.22 3.12
C TYR A 779 -39.89 5.22 3.80
N ARG A 780 -38.59 5.50 3.88
CA ARG A 780 -37.59 4.59 4.51
C ARG A 780 -36.43 5.41 5.10
N MET A 781 -36.73 6.51 5.80
CA MET A 781 -35.72 7.42 6.40
C MET A 781 -35.69 7.23 7.93
N LEU A 782 -36.85 7.33 8.59
CA LEU A 782 -36.95 7.42 10.08
C LEU A 782 -37.72 6.22 10.63
N PRO A 783 -37.56 5.88 11.94
CA PRO A 783 -38.30 4.79 12.55
C PRO A 783 -39.82 4.84 12.37
N ASP A 784 -40.41 6.05 12.38
CA ASP A 784 -41.88 6.27 12.26
C ASP A 784 -42.38 5.78 10.89
N ASP A 785 -41.49 5.67 9.89
CA ASP A 785 -41.83 5.22 8.53
C ASP A 785 -42.13 3.71 8.53
N ILE A 786 -41.66 2.98 9.55
CA ILE A 786 -41.87 1.51 9.69
C ILE A 786 -43.37 1.21 9.71
N GLY A 787 -44.16 2.05 10.39
CA GLY A 787 -45.62 1.89 10.55
C GLY A 787 -46.40 2.25 9.29
N ASP A 788 -45.74 2.83 8.28
CA ASP A 788 -46.34 3.12 6.95
C ASP A 788 -46.46 1.82 6.13
N TRP A 789 -45.70 0.78 6.49
CA TRP A 789 -45.57 -0.47 5.70
C TRP A 789 -46.53 -1.53 6.23
N TYR A 790 -47.39 -2.03 5.35
CA TYR A 790 -48.44 -3.06 5.62
C TYR A 790 -48.08 -4.36 4.90
N VAL A 791 -48.31 -5.48 5.58
CA VAL A 791 -48.23 -6.86 5.01
C VAL A 791 -49.64 -7.42 4.97
N ARG A 792 -49.96 -8.27 3.98
CA ARG A 792 -51.28 -8.90 3.83
C ARG A 792 -51.28 -10.25 4.54
N ALA A 793 -52.27 -10.49 5.42
CA ALA A 793 -52.47 -11.75 6.16
C ALA A 793 -53.17 -12.77 5.24
N ALA A 794 -53.28 -14.02 5.71
CA ALA A 794 -53.97 -15.13 5.01
C ALA A 794 -55.44 -14.77 4.76
N ASP A 795 -56.06 -14.06 5.71
CA ASP A 795 -57.51 -13.70 5.70
C ASP A 795 -57.77 -12.55 4.71
N GLY A 796 -56.71 -11.88 4.23
CA GLY A 796 -56.79 -10.83 3.19
C GLY A 796 -56.67 -9.42 3.75
N GLN A 797 -56.72 -9.26 5.09
CA GLN A 797 -56.58 -7.96 5.77
C GLN A 797 -55.12 -7.48 5.68
N MET A 798 -54.92 -6.16 5.70
CA MET A 798 -53.58 -5.52 5.68
C MET A 798 -53.18 -5.14 7.11
N VAL A 799 -52.07 -5.72 7.59
CA VAL A 799 -51.54 -5.54 8.98
C VAL A 799 -50.31 -4.64 8.91
N PRO A 800 -50.26 -3.54 9.69
CA PRO A 800 -49.07 -2.68 9.72
C PRO A 800 -47.93 -3.34 10.51
N PHE A 801 -46.69 -2.89 10.29
CA PHE A 801 -45.47 -3.40 10.98
C PHE A 801 -45.58 -3.14 12.48
N SER A 802 -46.20 -2.03 12.88
CA SER A 802 -46.37 -1.59 14.30
C SER A 802 -47.16 -2.64 15.09
N ALA A 803 -47.99 -3.45 14.42
CA ALA A 803 -48.85 -4.48 15.04
C ALA A 803 -47.99 -5.61 15.64
N PHE A 804 -46.99 -6.10 14.90
CA PHE A 804 -46.25 -7.36 15.19
C PHE A 804 -44.75 -7.10 15.40
N SER A 805 -44.33 -5.85 15.64
CA SER A 805 -42.90 -5.46 15.76
C SER A 805 -42.69 -4.45 16.88
N SER A 806 -41.54 -4.52 17.54
CA SER A 806 -41.01 -3.52 18.51
C SER A 806 -39.60 -3.13 18.05
N SER A 807 -39.08 -1.97 18.49
CA SER A 807 -37.74 -1.47 18.11
C SER A 807 -37.08 -0.75 19.29
N ARG A 808 -35.74 -0.76 19.32
CA ARG A 808 -34.90 -0.05 20.32
C ARG A 808 -33.55 0.28 19.69
N TRP A 809 -32.83 1.25 20.26
CA TRP A 809 -31.42 1.58 19.89
C TRP A 809 -30.47 0.58 20.56
N GLU A 810 -29.50 0.08 19.79
CA GLU A 810 -28.44 -0.85 20.24
C GLU A 810 -27.18 -0.60 19.42
N TYR A 811 -26.00 -0.69 20.04
CA TYR A 811 -24.69 -0.47 19.39
C TYR A 811 -24.26 -1.77 18.69
N GLY A 812 -23.55 -1.61 17.55
CA GLY A 812 -22.98 -2.71 16.75
C GLY A 812 -21.92 -2.20 15.80
N SER A 813 -21.16 -3.09 15.19
CA SER A 813 -20.01 -2.77 14.31
C SER A 813 -20.51 -2.41 12.92
N PRO A 814 -20.06 -1.28 12.33
CA PRO A 814 -20.23 -1.02 10.91
C PRO A 814 -19.13 -1.66 10.04
N ARG A 815 -18.10 -2.23 10.68
CA ARG A 815 -16.94 -2.86 10.00
C ARG A 815 -16.31 -3.91 10.92
N LEU A 816 -16.74 -5.17 10.78
CA LEU A 816 -16.20 -6.34 11.54
C LEU A 816 -14.96 -6.87 10.81
N GLU A 817 -13.82 -6.92 11.49
CA GLU A 817 -12.53 -7.43 10.95
C GLU A 817 -12.29 -8.85 11.48
N ARG A 818 -11.62 -9.68 10.68
CA ARG A 818 -11.17 -11.04 11.07
C ARG A 818 -9.73 -11.23 10.57
N TYR A 819 -8.91 -11.96 11.33
CA TYR A 819 -7.53 -12.33 10.97
C TYR A 819 -7.34 -13.84 11.16
N ASN A 820 -6.94 -14.53 10.08
CA ASN A 820 -6.75 -16.00 10.04
C ASN A 820 -8.02 -16.72 10.49
N GLY A 821 -9.19 -16.21 10.10
CA GLY A 821 -10.50 -16.85 10.31
C GLY A 821 -11.03 -16.70 11.73
N LEU A 822 -10.49 -15.76 12.51
CA LEU A 822 -10.96 -15.45 13.89
C LEU A 822 -11.23 -13.95 14.01
N PRO A 823 -12.19 -13.52 14.87
CA PRO A 823 -12.49 -12.10 15.02
C PRO A 823 -11.22 -11.35 15.46
N SER A 824 -10.91 -10.23 14.80
CA SER A 824 -9.66 -9.45 15.00
C SER A 824 -9.98 -7.95 15.06
N MET A 825 -9.05 -7.17 15.60
CA MET A 825 -9.01 -5.68 15.51
C MET A 825 -7.57 -5.25 15.23
N GLU A 826 -7.35 -4.62 14.07
CA GLU A 826 -6.01 -4.17 13.59
C GLU A 826 -5.64 -2.88 14.30
N ILE A 827 -4.46 -2.84 14.92
CA ILE A 827 -3.92 -1.68 15.68
C ILE A 827 -2.63 -1.21 15.01
N LEU A 828 -2.59 0.05 14.56
CA LEU A 828 -1.39 0.70 13.95
C LEU A 828 -0.65 1.49 15.03
N GLY A 829 0.52 2.04 14.67
CA GLY A 829 1.40 2.80 15.57
C GLY A 829 2.86 2.70 15.15
N GLN A 830 3.74 3.41 15.85
CA GLN A 830 5.19 3.50 15.53
C GLN A 830 5.99 3.72 16.82
N ALA A 831 7.31 3.47 16.76
CA ALA A 831 8.28 3.82 17.82
C ALA A 831 8.43 5.34 17.85
N ALA A 832 8.57 5.92 19.05
CA ALA A 832 8.75 7.37 19.29
C ALA A 832 10.12 7.80 18.76
N PRO A 833 10.38 9.11 18.57
CA PRO A 833 11.69 9.58 18.11
C PRO A 833 12.86 8.98 18.91
N GLY A 834 13.86 8.45 18.21
CA GLY A 834 15.04 7.81 18.81
C GLY A 834 14.91 6.29 18.86
N LYS A 835 13.76 5.80 19.33
CA LYS A 835 13.46 4.35 19.49
C LYS A 835 13.29 3.71 18.10
N SER A 836 13.62 2.42 18.00
CA SER A 836 13.48 1.58 16.78
C SER A 836 12.14 0.82 16.82
N THR A 837 11.67 0.35 15.67
CA THR A 837 10.39 -0.41 15.52
C THR A 837 10.49 -1.72 16.30
N GLY A 838 11.66 -2.39 16.26
CA GLY A 838 11.93 -3.65 16.99
C GLY A 838 11.70 -3.51 18.48
N GLU A 839 12.14 -2.39 19.07
CA GLU A 839 11.97 -2.06 20.52
C GLU A 839 10.47 -1.89 20.82
N ALA A 840 9.76 -1.10 20.00
CA ALA A 840 8.32 -0.81 20.10
C ALA A 840 7.51 -2.11 20.05
N MET A 841 7.83 -2.99 19.09
CA MET A 841 7.17 -4.30 18.89
C MET A 841 7.33 -5.15 20.16
N GLU A 842 8.52 -5.14 20.78
CA GLU A 842 8.85 -5.92 22.00
C GLU A 842 7.93 -5.49 23.16
N LEU A 843 7.62 -4.19 23.26
CA LEU A 843 6.75 -3.61 24.32
C LEU A 843 5.31 -4.05 24.10
N MET A 844 4.80 -3.91 22.87
CA MET A 844 3.42 -4.28 22.47
C MET A 844 3.15 -5.75 22.85
N GLU A 845 4.15 -6.62 22.70
CA GLU A 845 4.07 -8.07 23.04
C GLU A 845 3.84 -8.24 24.55
N GLN A 846 4.60 -7.51 25.37
CA GLN A 846 4.53 -7.58 26.86
C GLN A 846 3.20 -7.00 27.35
N LEU A 847 2.71 -5.94 26.70
CA LEU A 847 1.39 -5.31 27.01
C LEU A 847 0.25 -6.29 26.67
N ALA A 848 0.38 -7.00 25.53
CA ALA A 848 -0.63 -7.93 24.98
C ALA A 848 -0.83 -9.13 25.92
N SER A 849 0.21 -9.53 26.65
CA SER A 849 0.20 -10.71 27.56
C SER A 849 -0.46 -10.39 28.91
N LYS A 850 -0.79 -9.12 29.15
CA LYS A 850 -1.54 -8.65 30.36
C LYS A 850 -3.05 -8.66 30.09
N LEU A 851 -3.46 -8.84 28.82
CA LEU A 851 -4.87 -8.76 28.38
C LEU A 851 -5.64 -9.98 28.88
N PRO A 852 -6.99 -9.94 28.94
CA PRO A 852 -7.78 -11.06 29.42
C PRO A 852 -7.49 -12.40 28.71
N THR A 853 -7.66 -13.51 29.44
CA THR A 853 -7.53 -14.90 28.92
C THR A 853 -8.47 -15.06 27.72
N GLY A 854 -8.00 -15.74 26.66
CA GLY A 854 -8.75 -15.96 25.41
C GLY A 854 -8.37 -14.96 24.33
N VAL A 855 -7.76 -13.83 24.71
CA VAL A 855 -7.28 -12.78 23.76
C VAL A 855 -5.80 -13.08 23.43
N GLY A 856 -5.52 -13.35 22.16
CA GLY A 856 -4.17 -13.49 21.60
C GLY A 856 -3.85 -12.35 20.65
N TYR A 857 -2.73 -12.44 19.94
CA TYR A 857 -2.28 -11.41 18.95
C TYR A 857 -1.41 -12.08 17.89
N ASP A 858 -1.10 -11.32 16.83
CA ASP A 858 -0.22 -11.74 15.71
C ASP A 858 0.31 -10.48 15.01
N TRP A 859 1.44 -10.59 14.31
CA TRP A 859 2.02 -9.51 13.48
C TRP A 859 1.62 -9.74 12.02
N THR A 860 1.35 -8.66 11.28
CA THR A 860 0.91 -8.68 9.86
C THR A 860 1.64 -7.56 9.09
N GLY A 861 1.42 -7.47 7.78
CA GLY A 861 2.00 -6.42 6.91
C GLY A 861 3.51 -6.37 7.02
N MET A 862 4.07 -5.17 7.25
CA MET A 862 5.54 -4.92 7.24
C MET A 862 6.16 -5.44 8.54
N SER A 863 5.38 -5.59 9.62
CA SER A 863 5.82 -6.15 10.92
C SER A 863 6.11 -7.64 10.77
N TYR A 864 5.25 -8.37 10.03
CA TYR A 864 5.42 -9.81 9.70
C TYR A 864 6.69 -10.01 8.88
N GLN A 865 6.93 -9.12 7.90
CA GLN A 865 8.06 -9.17 6.94
C GLN A 865 9.37 -8.96 7.71
N GLU A 866 9.42 -7.95 8.58
CA GLU A 866 10.60 -7.58 9.42
C GLU A 866 10.93 -8.74 10.37
N ARG A 867 9.93 -9.21 11.13
CA ARG A 867 10.07 -10.32 12.12
C ARG A 867 10.66 -11.55 11.42
N LEU A 868 10.32 -11.76 10.14
CA LEU A 868 10.79 -12.91 9.32
C LEU A 868 12.23 -12.65 8.84
N SER A 869 12.44 -11.56 8.09
CA SER A 869 13.76 -11.14 7.54
C SER A 869 14.61 -10.51 8.66
N GLY A 870 15.12 -11.34 9.57
CA GLY A 870 15.91 -10.92 10.74
C GLY A 870 17.05 -11.88 11.04
N ASN A 871 16.74 -13.18 11.11
CA ASN A 871 17.71 -14.28 11.40
C ASN A 871 18.64 -14.49 10.20
N GLN A 872 18.20 -14.13 8.99
CA GLN A 872 18.93 -14.38 7.71
C GLN A 872 19.88 -13.21 7.38
N ALA A 873 19.66 -12.03 7.99
CA ALA A 873 20.43 -10.79 7.74
C ALA A 873 21.92 -10.99 8.08
N PRO A 874 22.28 -11.57 9.24
CA PRO A 874 23.69 -11.75 9.61
C PRO A 874 24.42 -12.82 8.78
N SER A 875 23.74 -13.95 8.53
CA SER A 875 24.28 -15.14 7.80
C SER A 875 24.70 -14.75 6.38
N LEU A 876 23.91 -13.91 5.70
CA LEU A 876 24.16 -13.46 4.29
C LEU A 876 25.39 -12.56 4.26
N TYR A 877 25.63 -11.77 5.30
CA TYR A 877 26.86 -10.94 5.49
C TYR A 877 28.05 -11.87 5.68
N ALA A 878 27.88 -12.93 6.47
CA ALA A 878 28.92 -13.94 6.81
C ALA A 878 29.28 -14.74 5.55
N ILE A 879 28.28 -15.21 4.79
CA ILE A 879 28.46 -15.96 3.52
C ILE A 879 29.26 -15.09 2.54
N SER A 880 28.91 -13.81 2.43
CA SER A 880 29.55 -12.81 1.53
C SER A 880 31.03 -12.63 1.91
N LEU A 881 31.31 -12.48 3.21
CA LEU A 881 32.67 -12.20 3.75
C LEU A 881 33.59 -13.40 3.50
N ILE A 882 33.10 -14.61 3.77
CA ILE A 882 33.86 -15.89 3.62
C ILE A 882 34.24 -16.09 2.15
N VAL A 883 33.30 -15.90 1.22
CA VAL A 883 33.49 -16.17 -0.24
C VAL A 883 34.48 -15.13 -0.81
N VAL A 884 34.36 -13.86 -0.41
CA VAL A 884 35.31 -12.77 -0.80
C VAL A 884 36.73 -13.18 -0.41
N PHE A 885 36.90 -13.61 0.85
CA PHE A 885 38.20 -14.09 1.41
C PHE A 885 38.76 -15.21 0.54
N LEU A 886 37.94 -16.21 0.23
CA LEU A 886 38.33 -17.43 -0.53
C LEU A 886 38.69 -17.05 -1.98
N CYS A 887 37.96 -16.10 -2.57
CA CYS A 887 38.25 -15.55 -3.92
C CYS A 887 39.62 -14.85 -3.92
N LEU A 888 39.85 -13.95 -2.96
CA LEU A 888 41.13 -13.21 -2.80
C LEU A 888 42.26 -14.21 -2.51
N ALA A 889 42.00 -15.26 -1.71
CA ALA A 889 42.97 -16.30 -1.31
C ALA A 889 43.45 -17.07 -2.55
N ALA A 890 42.54 -17.40 -3.46
CA ALA A 890 42.82 -18.12 -4.73
C ALA A 890 43.64 -17.21 -5.66
N LEU A 891 43.25 -15.94 -5.79
CA LEU A 891 43.89 -14.93 -6.66
C LEU A 891 45.37 -14.79 -6.29
N TYR A 892 45.66 -14.48 -5.02
CA TYR A 892 47.02 -14.16 -4.50
C TYR A 892 47.76 -15.44 -4.10
N GLU A 893 47.06 -16.58 -3.99
CA GLU A 893 47.64 -17.88 -3.54
C GLU A 893 48.22 -17.70 -2.14
N SER A 894 47.37 -17.33 -1.17
CA SER A 894 47.76 -16.98 0.22
C SER A 894 46.51 -16.90 1.11
N TRP A 895 46.63 -17.35 2.37
CA TRP A 895 45.56 -17.31 3.40
C TRP A 895 45.60 -15.98 4.16
N SER A 896 46.73 -15.24 4.07
CA SER A 896 47.03 -14.04 4.89
C SER A 896 46.77 -12.74 4.09
N ILE A 897 47.29 -12.67 2.86
CA ILE A 897 47.31 -11.43 2.01
C ILE A 897 45.89 -10.91 1.78
N PRO A 898 44.87 -11.78 1.54
CA PRO A 898 43.48 -11.33 1.42
C PRO A 898 43.02 -10.32 2.48
N PHE A 899 43.51 -10.44 3.73
CA PHE A 899 43.17 -9.55 4.87
C PHE A 899 43.58 -8.09 4.55
N SER A 900 44.69 -7.92 3.82
CA SER A 900 45.24 -6.58 3.43
C SER A 900 44.23 -5.82 2.57
N VAL A 901 43.35 -6.55 1.85
CA VAL A 901 42.28 -5.98 0.96
C VAL A 901 41.00 -5.79 1.77
N MET A 902 40.60 -6.80 2.56
CA MET A 902 39.30 -6.83 3.27
C MET A 902 39.25 -5.79 4.40
N LEU A 903 40.42 -5.30 4.83
CA LEU A 903 40.54 -4.26 5.90
C LEU A 903 40.11 -2.88 5.38
N VAL A 904 39.93 -2.72 4.06
CA VAL A 904 39.65 -1.42 3.38
C VAL A 904 38.15 -1.09 3.47
N VAL A 905 37.32 -2.02 3.97
CA VAL A 905 35.83 -1.91 3.94
C VAL A 905 35.40 -0.68 4.74
N PRO A 906 35.83 -0.50 6.01
CA PRO A 906 35.35 0.60 6.85
C PRO A 906 35.73 2.01 6.37
N LEU A 907 36.77 2.13 5.54
CA LEU A 907 37.30 3.42 5.02
C LEU A 907 36.22 4.13 4.19
N GLY A 908 35.44 3.38 3.41
CA GLY A 908 34.35 3.92 2.58
C GLY A 908 33.08 4.15 3.39
N VAL A 909 32.85 3.31 4.40
CA VAL A 909 31.59 3.30 5.20
C VAL A 909 31.52 4.57 6.06
N ILE A 910 32.63 4.95 6.69
CA ILE A 910 32.72 6.12 7.63
C ILE A 910 32.25 7.38 6.91
N GLY A 911 32.62 7.56 5.64
CA GLY A 911 32.29 8.74 4.83
C GLY A 911 30.80 8.83 4.53
N ALA A 912 30.21 7.74 4.06
CA ALA A 912 28.77 7.60 3.76
C ALA A 912 27.95 7.97 5.00
N LEU A 913 28.29 7.36 6.15
CA LEU A 913 27.60 7.56 7.45
C LEU A 913 27.66 9.04 7.85
N LEU A 914 28.86 9.65 7.78
CA LEU A 914 29.09 11.08 8.12
C LEU A 914 28.25 11.97 7.19
N ALA A 915 28.31 11.73 5.87
CA ALA A 915 27.58 12.47 4.82
C ALA A 915 26.06 12.38 5.07
N ALA A 916 25.56 11.16 5.32
CA ALA A 916 24.13 10.86 5.55
C ALA A 916 23.67 11.46 6.90
N THR A 917 24.49 11.28 7.95
CA THR A 917 24.23 11.81 9.33
C THR A 917 24.24 13.34 9.30
N PHE A 918 25.21 13.94 8.59
CA PHE A 918 25.36 15.42 8.42
C PHE A 918 24.12 15.99 7.72
N ARG A 919 23.69 15.35 6.62
CA ARG A 919 22.58 15.85 5.75
C ARG A 919 21.22 15.37 6.30
N GLY A 920 21.22 14.56 7.37
CA GLY A 920 20.01 14.13 8.09
C GLY A 920 19.13 13.19 7.27
N LEU A 921 19.76 12.32 6.47
CA LEU A 921 19.06 11.24 5.70
C LEU A 921 19.05 9.97 6.55
N THR A 922 18.57 8.85 5.98
CA THR A 922 18.32 7.58 6.69
C THR A 922 19.12 6.44 6.05
N ASN A 923 19.16 5.30 6.74
CA ASN A 923 19.78 4.02 6.28
C ASN A 923 18.74 3.23 5.48
N ASP A 924 18.41 3.71 4.27
CA ASP A 924 17.45 3.05 3.33
C ASP A 924 18.25 2.18 2.35
N VAL A 925 17.58 1.48 1.44
CA VAL A 925 18.19 0.50 0.49
C VAL A 925 19.18 1.24 -0.42
N TYR A 926 18.85 2.46 -0.85
CA TYR A 926 19.69 3.31 -1.75
C TYR A 926 21.05 3.58 -1.09
N PHE A 927 21.04 3.86 0.22
CA PHE A 927 22.26 4.08 1.06
C PHE A 927 23.04 2.77 1.17
N GLN A 928 22.35 1.64 1.38
CA GLN A 928 22.95 0.31 1.66
C GLN A 928 23.65 -0.22 0.40
N VAL A 929 23.01 -0.15 -0.77
CA VAL A 929 23.61 -0.55 -2.07
C VAL A 929 24.75 0.42 -2.41
N GLY A 930 24.61 1.69 -2.00
CA GLY A 930 25.65 2.74 -2.13
C GLY A 930 26.93 2.36 -1.41
N LEU A 931 26.81 1.79 -0.20
CA LEU A 931 27.95 1.27 0.60
C LEU A 931 28.64 0.13 -0.15
N LEU A 932 27.85 -0.83 -0.67
CA LEU A 932 28.37 -2.06 -1.33
C LEU A 932 29.15 -1.68 -2.59
N THR A 933 28.65 -0.74 -3.40
CA THR A 933 29.31 -0.23 -4.62
C THR A 933 30.54 0.62 -4.26
N THR A 934 30.52 1.29 -3.11
CA THR A 934 31.66 2.06 -2.54
C THR A 934 32.71 1.08 -2.02
N ILE A 935 32.29 0.11 -1.21
CA ILE A 935 33.17 -0.95 -0.62
C ILE A 935 33.78 -1.77 -1.75
N GLY A 936 32.98 -2.13 -2.75
CA GLY A 936 33.41 -2.89 -3.94
C GLY A 936 34.51 -2.19 -4.72
N LEU A 937 34.35 -0.88 -4.93
CA LEU A 937 35.28 -0.04 -5.74
C LEU A 937 36.56 0.22 -4.94
N SER A 938 36.45 0.46 -3.63
CA SER A 938 37.59 0.63 -2.69
C SER A 938 38.39 -0.68 -2.59
N ALA A 939 37.69 -1.82 -2.56
CA ALA A 939 38.27 -3.18 -2.53
C ALA A 939 39.04 -3.44 -3.82
N LYS A 940 38.46 -3.05 -4.97
CA LYS A 940 39.06 -3.22 -6.32
C LYS A 940 40.38 -2.44 -6.40
N ASN A 941 40.41 -1.22 -5.83
CA ASN A 941 41.61 -0.35 -5.78
C ASN A 941 42.70 -1.04 -4.95
N ALA A 942 42.31 -1.65 -3.83
CA ALA A 942 43.20 -2.38 -2.90
C ALA A 942 43.73 -3.66 -3.57
N ILE A 943 42.86 -4.36 -4.32
CA ILE A 943 43.21 -5.61 -5.05
C ILE A 943 44.32 -5.31 -6.07
N LEU A 944 44.19 -4.21 -6.82
CA LEU A 944 45.12 -3.82 -7.92
C LEU A 944 46.46 -3.34 -7.33
N ILE A 945 46.43 -2.66 -6.19
CA ILE A 945 47.65 -2.21 -5.45
C ILE A 945 48.41 -3.45 -4.97
N VAL A 946 47.73 -4.32 -4.21
CA VAL A 946 48.33 -5.55 -3.59
C VAL A 946 48.84 -6.48 -4.71
N GLU A 947 48.13 -6.54 -5.84
CA GLU A 947 48.53 -7.34 -7.03
C GLU A 947 49.89 -6.86 -7.54
N PHE A 948 50.02 -5.56 -7.83
CA PHE A 948 51.25 -4.90 -8.34
C PHE A 948 52.40 -5.13 -7.35
N ALA A 949 52.16 -4.88 -6.06
CA ALA A 949 53.14 -5.07 -4.95
C ALA A 949 53.60 -6.54 -4.92
N LYS A 950 52.65 -7.48 -4.92
CA LYS A 950 52.94 -8.95 -4.86
C LYS A 950 53.67 -9.38 -6.14
N ASP A 951 53.23 -8.86 -7.30
CA ASP A 951 53.84 -9.15 -8.64
C ASP A 951 55.32 -8.78 -8.60
N LEU A 952 55.64 -7.55 -8.17
CA LEU A 952 57.04 -7.03 -8.14
C LEU A 952 57.90 -7.90 -7.22
N MET A 953 57.36 -8.34 -6.08
CA MET A 953 58.07 -9.18 -5.07
C MET A 953 58.33 -10.59 -5.64
N ASP A 954 57.44 -11.09 -6.50
CA ASP A 954 57.50 -12.47 -7.06
C ASP A 954 58.20 -12.45 -8.42
N LYS A 955 57.76 -11.59 -9.33
CA LYS A 955 58.15 -11.58 -10.77
C LYS A 955 59.55 -10.96 -10.93
N GLU A 956 59.84 -9.90 -10.18
CA GLU A 956 61.11 -9.13 -10.28
C GLU A 956 61.94 -9.25 -8.99
N GLY A 957 61.43 -9.99 -7.99
CA GLY A 957 62.14 -10.28 -6.72
C GLY A 957 62.51 -9.02 -5.95
N LYS A 958 61.61 -8.03 -5.90
CA LYS A 958 61.81 -6.74 -5.20
C LYS A 958 61.51 -6.91 -3.70
N GLY A 959 61.98 -5.98 -2.87
CA GLY A 959 61.74 -5.94 -1.42
C GLY A 959 60.32 -5.48 -1.10
N LEU A 960 59.83 -5.79 0.10
CA LEU A 960 58.44 -5.49 0.55
C LEU A 960 58.16 -3.99 0.40
N ILE A 961 59.08 -3.13 0.87
CA ILE A 961 58.89 -1.66 0.94
C ILE A 961 58.98 -1.08 -0.46
N GLU A 962 59.96 -1.51 -1.26
CA GLU A 962 60.18 -1.07 -2.66
C GLU A 962 58.94 -1.38 -3.50
N ALA A 963 58.44 -2.62 -3.40
CA ALA A 963 57.29 -3.15 -4.18
C ALA A 963 56.00 -2.41 -3.78
N THR A 964 55.78 -2.20 -2.48
CA THR A 964 54.61 -1.48 -1.91
C THR A 964 54.59 -0.04 -2.46
N LEU A 965 55.72 0.67 -2.37
CA LEU A 965 55.83 2.09 -2.78
C LEU A 965 55.80 2.21 -4.30
N ASP A 966 56.32 1.21 -5.02
CA ASP A 966 56.23 1.12 -6.51
C ASP A 966 54.75 0.97 -6.91
N ALA A 967 54.01 0.11 -6.20
CA ALA A 967 52.59 -0.21 -6.46
C ALA A 967 51.73 1.05 -6.31
N VAL A 968 51.80 1.71 -5.15
CA VAL A 968 50.96 2.89 -4.79
C VAL A 968 51.27 4.06 -5.74
N ARG A 969 52.50 4.17 -6.24
CA ARG A 969 52.91 5.23 -7.21
CA ARG A 969 52.90 5.24 -7.20
C ARG A 969 52.20 4.98 -8.54
N MET A 970 52.24 3.75 -9.03
CA MET A 970 51.64 3.31 -10.32
C MET A 970 50.10 3.40 -10.26
N ARG A 971 49.51 3.16 -9.08
CA ARG A 971 48.04 2.99 -8.91
C ARG A 971 47.38 4.28 -8.40
N LEU A 972 48.15 5.33 -8.09
CA LEU A 972 47.60 6.61 -7.56
C LEU A 972 46.73 7.27 -8.64
N ARG A 973 47.30 7.52 -9.83
CA ARG A 973 46.65 8.28 -10.94
C ARG A 973 45.32 7.65 -11.31
N PRO A 974 45.25 6.33 -11.63
CA PRO A 974 43.97 5.71 -11.99
C PRO A 974 42.91 5.76 -10.87
N ILE A 975 43.33 5.66 -9.60
CA ILE A 975 42.42 5.74 -8.41
C ILE A 975 41.80 7.14 -8.34
N LEU A 976 42.63 8.19 -8.45
CA LEU A 976 42.20 9.61 -8.33
C LEU A 976 41.31 9.99 -9.53
N MET A 977 41.54 9.38 -10.70
CA MET A 977 40.75 9.65 -11.94
C MET A 977 39.33 9.09 -11.80
N THR A 978 39.21 7.80 -11.46
CA THR A 978 37.92 7.10 -11.22
C THR A 978 37.14 7.84 -10.13
N SER A 979 37.78 8.07 -8.98
CA SER A 979 37.21 8.74 -7.79
C SER A 979 36.63 10.10 -8.18
N LEU A 980 37.39 10.91 -8.93
CA LEU A 980 37.03 12.30 -9.31
C LEU A 980 35.83 12.26 -10.27
N ALA A 981 35.91 11.47 -11.34
CA ALA A 981 34.88 11.34 -12.39
C ALA A 981 33.54 10.90 -11.75
N PHE A 982 33.60 9.96 -10.80
CA PHE A 982 32.40 9.37 -10.15
C PHE A 982 31.84 10.36 -9.12
N ILE A 983 32.70 11.01 -8.32
CA ILE A 983 32.30 12.04 -7.31
C ILE A 983 31.56 13.18 -8.02
N LEU A 984 32.09 13.65 -9.15
CA LEU A 984 31.44 14.68 -10.01
C LEU A 984 30.16 14.09 -10.63
N GLY A 985 30.17 12.81 -10.98
CA GLY A 985 29.06 12.07 -11.61
C GLY A 985 27.80 12.06 -10.76
N VAL A 986 27.95 12.03 -9.43
CA VAL A 986 26.83 11.88 -8.45
C VAL A 986 26.55 13.23 -7.76
N MET A 987 27.21 14.31 -8.16
CA MET A 987 27.03 15.65 -7.54
C MET A 987 25.66 16.22 -7.91
N PRO A 988 25.16 16.09 -9.16
CA PRO A 988 23.81 16.54 -9.50
C PRO A 988 22.74 15.83 -8.66
N LEU A 989 22.97 14.57 -8.29
CA LEU A 989 22.04 13.71 -7.50
C LEU A 989 21.88 14.27 -6.08
N VAL A 990 22.95 14.81 -5.51
CA VAL A 990 22.99 15.35 -4.11
C VAL A 990 22.20 16.67 -4.05
N ILE A 991 22.35 17.54 -5.05
CA ILE A 991 21.75 18.91 -5.09
C ILE A 991 20.36 18.86 -5.75
N SER A 992 19.93 17.69 -6.25
CA SER A 992 18.62 17.49 -6.92
C SER A 992 17.48 17.80 -5.95
N THR A 993 16.53 18.66 -6.38
CA THR A 993 15.32 19.05 -5.61
C THR A 993 14.04 18.75 -6.40
N GLY A 994 14.16 18.37 -7.69
CA GLY A 994 13.03 18.18 -8.61
C GLY A 994 12.30 16.88 -8.37
N ALA A 995 11.62 16.36 -9.40
CA ALA A 995 10.88 15.08 -9.36
C ALA A 995 11.86 13.92 -9.24
N GLY A 996 11.58 12.97 -8.33
CA GLY A 996 12.40 11.77 -8.08
C GLY A 996 13.67 12.09 -7.31
N SER A 997 13.76 13.28 -6.70
CA SER A 997 14.97 13.79 -6.00
C SER A 997 15.19 13.05 -4.68
N GLY A 998 14.11 12.54 -4.07
CA GLY A 998 14.17 11.75 -2.81
C GLY A 998 15.10 10.57 -2.94
N ALA A 999 15.01 9.83 -4.04
CA ALA A 999 15.84 8.64 -4.36
C ALA A 999 17.26 9.08 -4.74
N GLN A 1000 17.38 10.08 -5.62
CA GLN A 1000 18.69 10.62 -6.10
C GLN A 1000 19.54 11.06 -4.90
N ASN A 1001 18.93 11.79 -3.95
CA ASN A 1001 19.59 12.30 -2.72
C ASN A 1001 20.15 11.12 -1.92
N ALA A 1002 19.36 10.05 -1.77
CA ALA A 1002 19.73 8.82 -1.01
C ALA A 1002 20.92 8.13 -1.68
N VAL A 1003 20.93 8.06 -3.02
CA VAL A 1003 22.02 7.45 -3.83
C VAL A 1003 23.28 8.32 -3.71
N GLY A 1004 23.20 9.59 -4.13
CA GLY A 1004 24.35 10.49 -4.33
C GLY A 1004 25.11 10.77 -3.04
N THR A 1005 24.41 11.13 -1.96
CA THR A 1005 25.00 11.62 -0.68
C THR A 1005 25.94 10.56 -0.09
N GLY A 1006 25.42 9.37 0.16
CA GLY A 1006 26.18 8.23 0.74
C GLY A 1006 27.36 7.84 -0.12
N VAL A 1007 27.21 7.91 -1.44
CA VAL A 1007 28.28 7.59 -2.45
C VAL A 1007 29.37 8.66 -2.38
N MET A 1008 28.99 9.94 -2.48
CA MET A 1008 29.94 11.09 -2.53
C MET A 1008 30.77 11.10 -1.23
N GLY A 1009 30.10 11.02 -0.08
CA GLY A 1009 30.75 10.93 1.24
C GLY A 1009 31.67 9.72 1.32
N GLY A 1010 31.16 8.55 0.93
CA GLY A 1010 31.88 7.26 1.00
C GLY A 1010 33.08 7.21 0.08
N MET A 1011 32.96 7.77 -1.13
CA MET A 1011 34.04 7.80 -2.15
C MET A 1011 35.18 8.72 -1.69
N VAL A 1012 34.84 9.91 -1.17
CA VAL A 1012 35.80 10.93 -0.67
C VAL A 1012 36.75 10.26 0.34
N THR A 1013 36.20 9.61 1.36
CA THR A 1013 36.96 8.98 2.48
C THR A 1013 37.74 7.77 1.95
N ALA A 1014 37.07 6.86 1.24
CA ALA A 1014 37.68 5.65 0.65
C ALA A 1014 38.89 6.04 -0.22
N THR A 1015 38.73 7.06 -1.06
CA THR A 1015 39.80 7.60 -1.96
C THR A 1015 40.99 8.04 -1.11
N VAL A 1016 40.78 8.99 -0.20
CA VAL A 1016 41.84 9.67 0.61
C VAL A 1016 42.49 8.66 1.55
N LEU A 1017 41.69 7.85 2.26
CA LEU A 1017 42.17 6.96 3.35
C LEU A 1017 42.89 5.72 2.76
N ALA A 1018 42.32 5.11 1.71
CA ALA A 1018 42.81 3.84 1.12
C ALA A 1018 44.23 3.99 0.59
N ILE A 1019 44.52 5.07 -0.14
CA ILE A 1019 45.85 5.33 -0.77
C ILE A 1019 46.95 5.36 0.31
N PHE A 1020 46.60 5.63 1.57
CA PHE A 1020 47.54 5.69 2.73
C PHE A 1020 47.50 4.39 3.54
N PHE A 1021 46.34 3.75 3.66
CA PHE A 1021 46.09 2.59 4.57
C PHE A 1021 46.40 1.25 3.87
N VAL A 1022 45.99 1.11 2.60
CA VAL A 1022 46.19 -0.13 1.79
C VAL A 1022 47.65 -0.56 1.86
N PRO A 1023 48.64 0.34 1.59
CA PRO A 1023 50.05 -0.03 1.70
C PRO A 1023 50.46 -0.41 3.14
N VAL A 1024 49.88 0.26 4.14
CA VAL A 1024 50.10 -0.03 5.59
C VAL A 1024 49.61 -1.47 5.85
N PHE A 1025 48.43 -1.82 5.35
CA PHE A 1025 47.81 -3.16 5.51
C PHE A 1025 48.74 -4.23 4.95
N PHE A 1026 49.15 -4.12 3.69
CA PHE A 1026 50.02 -5.09 2.98
C PHE A 1026 51.28 -5.35 3.81
N VAL A 1027 51.98 -4.27 4.18
CA VAL A 1027 53.29 -4.32 4.93
C VAL A 1027 53.08 -5.04 6.26
N VAL A 1028 52.09 -4.62 7.06
CA VAL A 1028 51.79 -5.21 8.40
C VAL A 1028 51.42 -6.69 8.23
N VAL A 1029 50.52 -6.98 7.28
CA VAL A 1029 49.96 -8.34 7.02
C VAL A 1029 51.09 -9.27 6.53
N ARG A 1030 51.98 -8.77 5.66
CA ARG A 1030 53.08 -9.57 5.05
C ARG A 1030 54.15 -9.89 6.10
N ARG A 1031 54.41 -8.96 7.03
CA ARG A 1031 55.46 -9.08 8.07
C ARG A 1031 55.02 -10.08 9.15
N ARG A 1032 53.79 -9.96 9.63
CA ARG A 1032 53.20 -10.82 10.69
C ARG A 1032 53.05 -12.25 10.16
N PHE A 1033 52.47 -12.41 8.97
CA PHE A 1033 52.14 -13.71 8.34
C PHE A 1033 53.12 -14.03 7.20
N SER A 1034 54.29 -14.56 7.54
CA SER A 1034 55.31 -15.07 6.58
C SER A 1034 56.44 -15.79 7.33
N ARG A 1035 56.95 -16.89 6.75
CA ARG A 1035 58.15 -17.63 7.23
C ARG A 1035 59.41 -16.78 6.96
N LYS A 1036 60.60 -17.37 7.03
CA LYS A 1036 61.89 -16.69 6.73
C LYS A 1036 61.98 -16.42 5.22
N ASN A 1037 61.18 -15.48 4.72
CA ASN A 1037 61.16 -15.03 3.30
C ASN A 1037 62.23 -13.95 3.13
N GLU A 1038 61.83 -12.67 3.06
CA GLU A 1038 62.76 -11.52 2.84
C GLU A 1038 62.00 -10.19 2.97
N ASP A 1039 62.62 -9.21 3.64
CA ASP A 1039 62.23 -7.77 3.64
C ASP A 1039 63.17 -7.02 2.68
N ILE A 1040 64.13 -7.76 2.09
CA ILE A 1040 65.09 -7.28 1.04
C ILE A 1040 64.72 -7.98 -0.28
N GLY B 11 -26.15 22.16 20.24
CA GLY B 11 -24.94 21.91 19.40
C GLY B 11 -23.70 22.52 20.01
N SER B 12 -23.41 22.21 21.27
CA SER B 12 -22.22 22.66 22.04
C SER B 12 -21.08 21.63 21.86
N ASP B 13 -19.84 22.12 21.66
CA ASP B 13 -18.64 21.30 21.40
C ASP B 13 -18.33 20.44 22.63
N LEU B 14 -18.39 21.03 23.83
CA LEU B 14 -18.07 20.38 25.12
C LEU B 14 -19.13 19.31 25.43
N GLY B 15 -20.37 19.53 24.96
CA GLY B 15 -21.48 18.55 25.05
C GLY B 15 -21.16 17.27 24.29
N LYS B 16 -20.60 17.40 23.07
CA LYS B 16 -20.26 16.25 22.19
C LYS B 16 -19.05 15.50 22.76
N LYS B 17 -18.10 16.23 23.36
CA LYS B 17 -16.88 15.65 23.99
C LYS B 17 -17.26 14.77 25.19
N LEU B 18 -18.19 15.25 26.02
CA LEU B 18 -18.68 14.53 27.23
C LEU B 18 -19.32 13.20 26.81
N LEU B 19 -20.15 13.23 25.77
CA LEU B 19 -20.85 12.03 25.21
C LEU B 19 -19.81 10.98 24.80
N GLU B 20 -18.80 11.39 24.03
CA GLU B 20 -17.68 10.52 23.56
C GLU B 20 -16.85 10.07 24.77
N ALA B 21 -16.61 10.97 25.73
CA ALA B 21 -15.78 10.75 26.94
C ALA B 21 -16.45 9.74 27.88
N ALA B 22 -17.76 9.90 28.10
CA ALA B 22 -18.59 9.07 29.01
C ALA B 22 -18.77 7.66 28.40
N ARG B 23 -18.68 7.54 27.08
CA ARG B 23 -18.82 6.25 26.33
C ARG B 23 -17.54 5.42 26.51
N ALA B 24 -16.37 6.03 26.34
CA ALA B 24 -15.05 5.38 26.38
C ALA B 24 -14.64 5.05 27.82
N GLY B 25 -15.24 5.74 28.80
CA GLY B 25 -15.05 5.47 30.24
C GLY B 25 -13.94 6.32 30.84
N ARG B 26 -13.64 7.48 30.25
CA ARG B 26 -12.64 8.46 30.75
C ARG B 26 -13.24 9.18 31.97
N ASP B 27 -12.99 8.66 33.18
CA ASP B 27 -13.56 9.14 34.46
C ASP B 27 -13.03 10.56 34.76
N ASP B 28 -11.73 10.78 34.52
CA ASP B 28 -11.03 12.06 34.85
C ASP B 28 -11.39 13.13 33.82
N GLU B 29 -11.57 12.75 32.54
CA GLU B 29 -11.95 13.68 31.45
C GLU B 29 -13.39 14.17 31.66
N VAL B 30 -14.28 13.29 32.14
CA VAL B 30 -15.68 13.64 32.53
C VAL B 30 -15.59 14.75 33.60
N ARG B 31 -14.91 14.46 34.73
CA ARG B 31 -14.73 15.38 35.88
C ARG B 31 -14.27 16.77 35.39
N ILE B 32 -13.31 16.80 34.46
CA ILE B 32 -12.73 18.05 33.87
C ILE B 32 -13.83 18.78 33.08
N LEU B 33 -14.54 18.07 32.20
CA LEU B 33 -15.62 18.64 31.33
C LEU B 33 -16.79 19.13 32.19
N MET B 34 -17.07 18.46 33.31
CA MET B 34 -18.11 18.86 34.30
C MET B 34 -17.73 20.23 34.87
N ALA B 35 -16.48 20.38 35.33
CA ALA B 35 -15.91 21.61 35.92
C ALA B 35 -15.88 22.74 34.88
N ASN B 36 -15.58 22.41 33.62
CA ASN B 36 -15.48 23.37 32.49
C ASN B 36 -16.87 23.89 32.11
N GLY B 37 -17.94 23.24 32.58
CA GLY B 37 -19.34 23.69 32.44
C GLY B 37 -20.04 23.03 31.26
N ALA B 38 -19.71 21.77 30.96
CA ALA B 38 -20.33 20.96 29.88
C ALA B 38 -21.72 20.51 30.32
N ASP B 39 -22.69 20.57 29.41
CA ASP B 39 -24.11 20.17 29.65
C ASP B 39 -24.15 18.68 29.96
N VAL B 40 -24.58 18.32 31.17
CA VAL B 40 -24.69 16.91 31.67
C VAL B 40 -25.78 16.18 30.87
N ASN B 41 -26.78 16.90 30.36
CA ASN B 41 -27.99 16.34 29.69
C ASN B 41 -27.89 16.51 28.16
N ALA B 42 -26.68 16.70 27.62
CA ALA B 42 -26.42 16.70 26.16
C ALA B 42 -26.87 15.34 25.58
N ALA B 43 -27.47 15.35 24.39
CA ALA B 43 -28.14 14.17 23.78
C ALA B 43 -27.58 13.88 22.38
N ASP B 44 -27.50 12.60 22.03
CA ASP B 44 -27.12 12.07 20.69
C ASP B 44 -28.19 12.44 19.65
N VAL B 45 -28.00 12.00 18.41
CA VAL B 45 -29.04 12.02 17.33
C VAL B 45 -30.18 11.08 17.75
N VAL B 46 -29.86 10.00 18.47
CA VAL B 46 -30.83 8.95 18.91
C VAL B 46 -31.36 9.25 20.31
N GLY B 47 -30.91 10.35 20.95
CA GLY B 47 -31.47 10.86 22.22
C GLY B 47 -30.74 10.32 23.44
N TRP B 48 -29.61 9.64 23.25
CA TRP B 48 -28.75 9.11 24.35
C TRP B 48 -27.95 10.25 25.00
N THR B 49 -27.97 10.30 26.34
CA THR B 49 -27.18 11.23 27.19
C THR B 49 -25.92 10.50 27.66
N PRO B 50 -24.95 11.19 28.31
CA PRO B 50 -23.79 10.51 28.90
C PRO B 50 -24.20 9.40 29.88
N LEU B 51 -25.30 9.61 30.61
CA LEU B 51 -25.85 8.65 31.62
C LEU B 51 -26.38 7.40 30.90
N HIS B 52 -26.98 7.56 29.71
CA HIS B 52 -27.38 6.44 28.82
C HIS B 52 -26.16 5.59 28.47
N LEU B 53 -25.08 6.23 28.03
CA LEU B 53 -23.84 5.57 27.53
C LEU B 53 -23.09 4.92 28.69
N ALA B 54 -22.94 5.63 29.82
CA ALA B 54 -22.29 5.14 31.05
C ALA B 54 -22.99 3.88 31.55
N ALA B 55 -24.33 3.84 31.50
CA ALA B 55 -25.17 2.71 31.93
C ALA B 55 -24.98 1.51 30.98
N TYR B 56 -24.99 1.77 29.67
CA TYR B 56 -24.91 0.77 28.58
C TYR B 56 -23.56 0.04 28.61
N TRP B 57 -22.47 0.79 28.70
CA TRP B 57 -21.07 0.27 28.68
C TRP B 57 -20.63 -0.12 30.10
N GLY B 58 -21.40 0.27 31.12
CA GLY B 58 -21.26 -0.21 32.52
C GLY B 58 -20.19 0.55 33.30
N HIS B 59 -20.05 1.85 33.06
CA HIS B 59 -19.09 2.75 33.75
C HIS B 59 -19.75 3.34 35.00
N LEU B 60 -19.57 2.69 36.15
CA LEU B 60 -20.26 2.99 37.43
C LEU B 60 -19.87 4.39 37.93
N GLU B 61 -18.58 4.66 38.10
CA GLU B 61 -18.06 5.93 38.66
C GLU B 61 -18.66 7.12 37.89
N ILE B 62 -18.73 7.02 36.56
CA ILE B 62 -19.25 8.09 35.65
C ILE B 62 -20.75 8.28 35.91
N VAL B 63 -21.49 7.19 36.12
CA VAL B 63 -22.95 7.22 36.47
C VAL B 63 -23.11 8.00 37.78
N GLU B 64 -22.25 7.73 38.77
CA GLU B 64 -22.26 8.40 40.11
C GLU B 64 -21.87 9.88 39.96
N VAL B 65 -20.87 10.17 39.13
CA VAL B 65 -20.33 11.55 38.90
C VAL B 65 -21.39 12.39 38.17
N LEU B 66 -22.06 11.82 37.17
CA LEU B 66 -23.09 12.52 36.34
C LEU B 66 -24.30 12.87 37.22
N LEU B 67 -24.73 11.94 38.08
CA LEU B 67 -25.89 12.13 38.99
C LEU B 67 -25.54 13.15 40.08
N LYS B 68 -24.27 13.23 40.49
CA LYS B 68 -23.77 14.23 41.49
C LYS B 68 -23.81 15.64 40.89
N ASN B 69 -23.72 15.76 39.55
CA ASN B 69 -23.70 17.06 38.81
C ASN B 69 -25.07 17.34 38.19
N GLY B 70 -26.13 16.71 38.71
CA GLY B 70 -27.54 17.04 38.41
C GLY B 70 -27.95 16.61 37.00
N ALA B 71 -27.58 15.39 36.60
CA ALA B 71 -28.01 14.77 35.32
C ALA B 71 -29.41 14.17 35.50
N ASP B 72 -30.24 14.26 34.45
CA ASP B 72 -31.62 13.69 34.42
C ASP B 72 -31.51 12.16 34.45
N VAL B 73 -31.91 11.55 35.57
CA VAL B 73 -31.87 10.08 35.81
C VAL B 73 -32.96 9.40 34.96
N ASN B 74 -34.02 10.14 34.59
CA ASN B 74 -35.18 9.62 33.81
C ASN B 74 -35.17 10.20 32.39
N ALA B 75 -34.00 10.63 31.90
CA ALA B 75 -33.80 11.04 30.49
C ALA B 75 -34.15 9.85 29.59
N TYR B 76 -34.91 10.08 28.51
CA TYR B 76 -35.40 9.03 27.59
C TYR B 76 -34.93 9.35 26.16
N ASP B 77 -34.56 8.30 25.41
CA ASP B 77 -34.09 8.40 24.00
C ASP B 77 -35.30 8.55 23.08
N THR B 78 -35.10 8.61 21.76
CA THR B 78 -36.16 8.90 20.77
C THR B 78 -37.15 7.71 20.69
N LEU B 79 -36.77 6.53 21.21
CA LEU B 79 -37.63 5.32 21.25
C LEU B 79 -38.10 5.03 22.68
N GLY B 80 -37.88 5.97 23.62
CA GLY B 80 -38.50 5.98 24.95
C GLY B 80 -37.72 5.23 26.01
N SER B 81 -36.50 4.76 25.70
CA SER B 81 -35.64 3.97 26.62
C SER B 81 -34.83 4.92 27.52
N THR B 82 -34.63 4.52 28.78
CA THR B 82 -33.96 5.30 29.86
C THR B 82 -32.67 4.60 30.28
N PRO B 83 -31.76 5.27 31.03
CA PRO B 83 -30.56 4.62 31.56
C PRO B 83 -30.86 3.32 32.33
N LEU B 84 -31.98 3.27 33.07
CA LEU B 84 -32.39 2.10 33.89
C LEU B 84 -32.71 0.91 32.99
N HIS B 85 -33.41 1.15 31.87
CA HIS B 85 -33.69 0.14 30.82
C HIS B 85 -32.38 -0.56 30.42
N LEU B 86 -31.36 0.22 30.07
CA LEU B 86 -30.06 -0.29 29.55
C LEU B 86 -29.30 -1.00 30.66
N ALA B 87 -29.21 -0.40 31.84
CA ALA B 87 -28.52 -0.95 33.04
C ALA B 87 -29.12 -2.30 33.42
N ALA B 88 -30.45 -2.39 33.48
CA ALA B 88 -31.22 -3.58 33.90
C ALA B 88 -31.11 -4.68 32.84
N HIS B 89 -31.12 -4.31 31.55
CA HIS B 89 -31.08 -5.24 30.40
C HIS B 89 -29.76 -6.00 30.37
N PHE B 90 -28.63 -5.29 30.52
CA PHE B 90 -27.26 -5.80 30.25
C PHE B 90 -26.51 -6.04 31.57
N GLY B 91 -27.23 -6.27 32.67
CA GLY B 91 -26.73 -6.94 33.88
C GLY B 91 -25.84 -6.06 34.74
N HIS B 92 -25.93 -4.74 34.63
CA HIS B 92 -25.15 -3.77 35.44
C HIS B 92 -25.90 -3.49 36.75
N LEU B 93 -25.80 -4.45 37.68
CA LEU B 93 -26.55 -4.49 38.96
C LEU B 93 -26.23 -3.27 39.81
N GLU B 94 -24.94 -2.95 39.97
CA GLU B 94 -24.44 -1.85 40.82
C GLU B 94 -25.00 -0.51 40.31
N ILE B 95 -25.09 -0.36 38.98
CA ILE B 95 -25.60 0.86 38.30
C ILE B 95 -27.12 0.95 38.48
N VAL B 96 -27.82 -0.19 38.42
CA VAL B 96 -29.30 -0.28 38.62
C VAL B 96 -29.64 0.23 40.03
N GLU B 97 -28.84 -0.16 41.04
CA GLU B 97 -29.01 0.25 42.45
C GLU B 97 -28.83 1.77 42.57
N VAL B 98 -27.76 2.32 41.99
CA VAL B 98 -27.40 3.76 42.06
C VAL B 98 -28.50 4.59 41.41
N LEU B 99 -28.90 4.24 40.18
CA LEU B 99 -29.98 4.92 39.42
C LEU B 99 -31.27 4.96 40.27
N LEU B 100 -31.65 3.81 40.84
CA LEU B 100 -32.87 3.66 41.69
C LEU B 100 -32.73 4.46 42.99
N LYS B 101 -31.51 4.56 43.54
CA LYS B 101 -31.21 5.36 44.75
C LYS B 101 -31.39 6.86 44.46
N ASN B 102 -31.22 7.27 43.20
CA ASN B 102 -31.33 8.69 42.75
C ASN B 102 -32.67 8.91 42.03
N GLY B 103 -33.68 8.09 42.35
CA GLY B 103 -35.10 8.32 42.02
C GLY B 103 -35.44 7.96 40.58
N ALA B 104 -34.78 6.95 40.01
CA ALA B 104 -35.04 6.43 38.64
C ALA B 104 -36.46 5.85 38.60
N ASP B 105 -37.21 6.14 37.54
CA ASP B 105 -38.59 5.63 37.32
C ASP B 105 -38.49 4.12 37.05
N VAL B 106 -38.82 3.31 38.07
CA VAL B 106 -38.68 1.82 38.04
C VAL B 106 -39.68 1.22 37.04
N ASN B 107 -40.80 1.91 36.80
CA ASN B 107 -41.92 1.46 35.91
C ASN B 107 -41.93 2.26 34.60
N ALA B 108 -40.78 2.76 34.16
CA ALA B 108 -40.63 3.57 32.92
C ALA B 108 -40.95 2.69 31.70
N LYS B 109 -41.86 3.16 30.84
CA LYS B 109 -42.30 2.47 29.59
C LYS B 109 -41.61 3.11 28.39
N ASP B 110 -40.93 2.31 27.55
CA ASP B 110 -40.41 2.75 26.23
C ASP B 110 -41.57 2.73 25.24
N ASP B 111 -41.31 3.09 23.98
CA ASP B 111 -42.35 3.24 22.91
C ASP B 111 -43.03 1.90 22.65
N ASN B 112 -42.44 0.78 23.09
CA ASN B 112 -42.97 -0.60 22.92
C ASN B 112 -43.76 -1.04 24.15
N GLY B 113 -43.76 -0.22 25.21
CA GLY B 113 -44.37 -0.54 26.52
C GLY B 113 -43.49 -1.47 27.34
N ILE B 114 -42.22 -1.63 26.93
CA ILE B 114 -41.22 -2.49 27.63
C ILE B 114 -40.67 -1.70 28.82
N THR B 115 -40.47 -2.39 29.95
CA THR B 115 -40.05 -1.82 31.26
C THR B 115 -38.72 -2.43 31.65
N PRO B 116 -37.97 -1.82 32.60
CA PRO B 116 -36.73 -2.43 33.11
C PRO B 116 -36.90 -3.87 33.56
N LEU B 117 -38.08 -4.22 34.12
CA LEU B 117 -38.40 -5.57 34.65
C LEU B 117 -38.49 -6.57 33.49
N HIS B 118 -39.10 -6.18 32.37
CA HIS B 118 -39.17 -7.00 31.13
C HIS B 118 -37.77 -7.35 30.66
N LEU B 119 -36.90 -6.34 30.50
CA LEU B 119 -35.54 -6.46 29.93
C LEU B 119 -34.65 -7.32 30.83
N ALA B 120 -34.73 -7.11 32.15
CA ALA B 120 -33.99 -7.89 33.17
C ALA B 120 -34.44 -9.36 33.11
N ALA B 121 -35.75 -9.59 33.02
CA ALA B 121 -36.37 -10.93 32.94
C ALA B 121 -35.97 -11.62 31.62
N ASN B 122 -35.91 -10.84 30.53
CA ASN B 122 -35.50 -11.31 29.18
C ASN B 122 -34.14 -12.01 29.24
N ARG B 123 -33.18 -11.44 29.98
CA ARG B 123 -31.77 -11.92 30.06
C ARG B 123 -31.54 -12.68 31.36
N GLY B 124 -32.60 -12.93 32.15
CA GLY B 124 -32.57 -13.79 33.35
C GLY B 124 -31.66 -13.25 34.44
N HIS B 125 -31.56 -11.92 34.56
CA HIS B 125 -30.81 -11.21 35.64
C HIS B 125 -31.64 -11.24 36.92
N LEU B 126 -31.52 -12.32 37.71
CA LEU B 126 -32.35 -12.58 38.91
C LEU B 126 -32.13 -11.49 39.96
N GLU B 127 -30.87 -11.13 40.21
CA GLU B 127 -30.45 -10.13 41.24
C GLU B 127 -31.12 -8.78 40.92
N ILE B 128 -31.02 -8.34 39.65
CA ILE B 128 -31.58 -7.04 39.17
C ILE B 128 -33.11 -7.07 39.29
N VAL B 129 -33.75 -8.17 38.85
CA VAL B 129 -35.23 -8.37 38.94
C VAL B 129 -35.68 -8.16 40.39
N GLU B 130 -35.01 -8.81 41.34
CA GLU B 130 -35.35 -8.79 42.79
C GLU B 130 -35.19 -7.37 43.36
N VAL B 131 -34.18 -6.61 42.89
CA VAL B 131 -33.92 -5.21 43.32
C VAL B 131 -35.02 -4.30 42.74
N LEU B 132 -35.35 -4.47 41.45
CA LEU B 132 -36.43 -3.70 40.77
C LEU B 132 -37.75 -3.90 41.52
N LEU B 133 -38.05 -5.14 41.92
CA LEU B 133 -39.28 -5.50 42.70
C LEU B 133 -39.27 -4.79 44.05
N LYS B 134 -38.11 -4.71 44.71
CA LYS B 134 -37.93 -4.06 46.04
C LYS B 134 -38.28 -2.56 45.93
N TYR B 135 -37.99 -1.94 44.77
CA TYR B 135 -38.26 -0.50 44.49
C TYR B 135 -39.65 -0.31 43.88
N GLY B 136 -40.44 -1.40 43.77
CA GLY B 136 -41.88 -1.35 43.47
C GLY B 136 -42.18 -1.47 41.98
N ALA B 137 -41.41 -2.30 41.26
CA ALA B 137 -41.63 -2.61 39.83
C ALA B 137 -42.97 -3.34 39.68
N ASP B 138 -43.82 -2.87 38.77
CA ASP B 138 -45.18 -3.45 38.52
C ASP B 138 -44.98 -4.80 37.79
N VAL B 139 -45.22 -5.90 38.50
CA VAL B 139 -45.01 -7.29 38.01
C VAL B 139 -46.03 -7.62 36.92
N ASN B 140 -47.21 -6.96 36.94
CA ASN B 140 -48.34 -7.21 36.01
C ASN B 140 -48.26 -6.28 34.79
N ALA B 141 -47.24 -5.41 34.72
CA ALA B 141 -47.01 -4.46 33.59
C ALA B 141 -46.91 -5.24 32.28
N GLN B 142 -47.67 -4.81 31.27
CA GLN B 142 -47.74 -5.45 29.92
C GLN B 142 -47.07 -4.55 28.89
N ASP B 143 -46.30 -5.15 27.96
CA ASP B 143 -45.77 -4.48 26.74
C ASP B 143 -46.89 -4.44 25.69
N LYS B 144 -46.60 -3.90 24.51
CA LYS B 144 -47.61 -3.64 23.45
C LYS B 144 -48.28 -4.95 23.00
N PHE B 145 -47.64 -6.11 23.26
CA PHE B 145 -48.15 -7.46 22.87
C PHE B 145 -48.89 -8.13 24.03
N GLY B 146 -48.95 -7.49 25.19
CA GLY B 146 -49.68 -7.98 26.38
C GLY B 146 -48.84 -8.92 27.22
N LYS B 147 -47.52 -8.90 27.06
CA LYS B 147 -46.57 -9.82 27.76
C LYS B 147 -46.13 -9.18 29.09
N THR B 148 -46.11 -9.97 30.15
CA THR B 148 -45.54 -9.63 31.48
C THR B 148 -44.15 -10.25 31.61
N ALA B 149 -43.38 -9.85 32.62
CA ALA B 149 -42.05 -10.42 32.94
C ALA B 149 -42.19 -11.93 33.13
N PHE B 150 -43.25 -12.37 33.82
CA PHE B 150 -43.57 -13.80 34.08
C PHE B 150 -43.72 -14.55 32.75
N ASP B 151 -44.48 -14.00 31.81
CA ASP B 151 -44.70 -14.58 30.46
C ASP B 151 -43.33 -14.79 29.79
N ILE B 152 -42.48 -13.76 29.81
CA ILE B 152 -41.10 -13.78 29.23
C ILE B 152 -40.31 -14.93 29.86
N SER B 153 -40.37 -15.07 31.18
CA SER B 153 -39.63 -16.11 31.95
C SER B 153 -40.09 -17.51 31.52
N ILE B 154 -41.40 -17.69 31.34
CA ILE B 154 -42.02 -18.98 30.92
C ILE B 154 -41.55 -19.32 29.50
N ASN B 155 -41.59 -18.35 28.58
CA ASN B 155 -41.18 -18.52 27.16
C ASN B 155 -39.72 -18.95 27.10
N ASN B 156 -38.85 -18.34 27.92
CA ASN B 156 -37.38 -18.61 27.94
C ASN B 156 -37.08 -19.92 28.67
N GLY B 157 -38.03 -20.44 29.45
CA GLY B 157 -37.89 -21.70 30.22
C GLY B 157 -37.13 -21.50 31.51
N ASN B 158 -37.04 -20.26 31.98
CA ASN B 158 -36.36 -19.88 33.26
C ASN B 158 -37.35 -20.11 34.41
N GLU B 159 -37.21 -21.22 35.13
CA GLU B 159 -38.12 -21.64 36.22
C GLU B 159 -37.80 -20.85 37.49
N ASP B 160 -36.52 -20.67 37.81
CA ASP B 160 -36.04 -19.88 38.97
C ASP B 160 -36.67 -18.48 38.93
N LEU B 161 -36.63 -17.82 37.77
CA LEU B 161 -37.15 -16.45 37.55
C LEU B 161 -38.69 -16.46 37.61
N ALA B 162 -39.33 -17.50 37.07
CA ALA B 162 -40.80 -17.66 37.03
C ALA B 162 -41.35 -17.76 38.45
N GLU B 163 -40.68 -18.54 39.31
CA GLU B 163 -41.01 -18.72 40.76
C GLU B 163 -41.07 -17.35 41.44
N ILE B 164 -40.10 -16.47 41.18
CA ILE B 164 -39.93 -15.13 41.83
C ILE B 164 -41.13 -14.24 41.48
N LEU B 165 -41.62 -14.31 40.24
CA LEU B 165 -42.72 -13.46 39.71
C LEU B 165 -44.08 -14.17 39.88
N GLN B 166 -44.20 -15.06 40.87
CA GLN B 166 -45.43 -15.84 41.17
C GLN B 166 -45.55 -16.00 42.70
C1 D10 C . 59.81 8.40 9.44
C2 D10 C . 59.49 9.53 10.38
C3 D10 C . 58.56 10.57 9.79
C4 D10 C . 57.10 10.27 9.98
C5 D10 C . 56.17 11.28 9.33
C6 D10 C . 55.93 11.03 7.86
C7 D10 C . 54.87 11.93 7.25
C8 D10 C . 53.46 11.48 7.51
C9 D10 C . 52.41 12.42 6.97
C10 D10 C . 51.01 11.84 6.96
C1 EDO D . -10.01 4.81 20.58
O1 EDO D . -9.91 5.01 21.97
C2 EDO D . -11.13 5.55 19.95
O2 EDO D . -10.84 5.98 18.64
C1B LMT E . 6.16 5.89 -25.17
C2B LMT E . 4.97 5.47 -26.03
C3B LMT E . 4.94 6.18 -27.38
C4B LMT E . 5.17 7.68 -27.23
C5B LMT E . 6.38 7.96 -26.38
C6B LMT E . 6.58 9.46 -26.17
O1B LMT E . 7.38 5.34 -25.70
O2B LMT E . 5.03 4.06 -26.25
O3B LMT E . 3.67 5.94 -28.00
O4' LMT E . 5.34 8.27 -28.53
O5B LMT E . 6.25 7.32 -25.10
O6B LMT E . 7.14 10.04 -27.36
C1' LMT E . 10.93 3.65 -24.36
C2' LMT E . 9.75 2.69 -24.44
C3' LMT E . 8.55 3.30 -25.16
C4' LMT E . 8.27 4.74 -24.75
C5' LMT E . 9.55 5.57 -24.68
C6' LMT E . 9.28 6.98 -24.16
O1' LMT E . 11.92 3.08 -23.52
O2' LMT E . 10.14 1.50 -25.11
O3' LMT E . 7.40 2.49 -24.87
O5' LMT E . 10.49 4.91 -23.83
O6' LMT E . 10.50 7.60 -23.74
C1 LMT E . 13.12 3.84 -23.39
C2 LMT E . 13.57 3.78 -21.93
C3 LMT E . 15.03 3.40 -21.78
C4 LMT E . 15.71 4.22 -20.70
C5 LMT E . 17.05 3.59 -20.28
C6 LMT E . 18.03 3.51 -21.44
C7 LMT E . 19.45 3.92 -21.06
C8 LMT E . 20.23 4.35 -22.30
C9 LMT E . 21.54 5.05 -21.93
C10 LMT E . 22.76 4.26 -22.41
C11 LMT E . 24.01 5.13 -22.43
C12 LMT E . 24.44 5.42 -23.85
C1 PGE F . -51.27 -13.78 1.99
O1 PGE F . -50.24 -13.51 1.06
C2 PGE F . -52.44 -14.45 1.34
O2 PGE F . -53.49 -13.51 1.12
C3 PGE F . -54.25 -13.78 -0.05
C4 PGE F . -55.45 -12.88 -0.10
O4 PGE F . -53.83 -13.56 -3.49
C6 PGE F . -54.98 -12.75 -3.59
C5 PGE F . -55.28 -12.01 -2.32
O3 PGE F . -55.99 -12.86 -1.42
C1 PGE G . -21.55 -4.47 27.38
O1 PGE G . -20.17 -4.77 27.26
C2 PGE G . -22.08 -3.75 26.17
O2 PGE G . -23.49 -3.96 26.05
C3 PGE G . -23.84 -5.19 25.44
C4 PGE G . -25.05 -5.01 24.58
O4 PGE G . -24.73 -8.35 22.08
C6 PGE G . -25.06 -7.09 21.54
C5 PGE G . -24.66 -5.96 22.43
O3 PGE G . -25.22 -6.13 23.73
C1 EDO H . -37.48 1.33 49.13
O1 EDO H . -38.27 1.72 48.03
C2 EDO H . -36.31 0.53 48.73
O2 EDO H . -35.29 0.52 49.71
#